data_6W5C
#
_entry.id   6W5C
#
loop_
_entity.id
_entity.type
_entity.pdbx_description
1 polymer Cas12i
2 polymer TS
3 polymer NTS
4 polymer Substrate
5 polymer crRNA
#
loop_
_entity_poly.entity_id
_entity_poly.type
_entity_poly.pdbx_seq_one_letter_code
_entity_poly.pdbx_strand_id
1 'polypeptide(L)'
;MSNKEKNASETRKAYTTKMIPRSHDRMKLLGNFMDYLMDGTPIFFELWNQFGGGIDRDIISGTANKDKISDDLLLAVNWF
KVMPINSKPQGVSPSNLANLFQQYSGSEPDIQAQEYFASNFDTEKHQWKDMRVEYERLLAELQLSRSDMHHDLKLMYKEK
CIGLSLSTAHYITSVMFGTGAKNNRQTKHQFYSKVIQLLEESTQINSVEQLASIILKAGDCDSYRKLRIRCSRKGATPSI
LKIVQDYELGTNHDDEVNVPSLIANLKEKLGRFEYECEWKCMEKIKAFLASKVGPYYLGSYSAMLENALSPIKGMTTKNC
KFVLKQIDAKNDIKYENEPFGKIVEGFFDSPYFESDTNVKWVLHPHHIGESNIKTLWEDLNAIHSKYEEDIASLSEDKKE
KRIKVYQGDVCQTINTYCEEVGKEAKTPLVQLLRYLYSRKDDIAVDKIIDGITFLSKKHKVEKQKINPVIQKYPSFNFGN
NSKLLGKIISPKDKLKHNLKCNRNQVDNYIWIEIKVLNTKTMRWEKHHYALSSTRFLEEVYYPATSENPPDALAARFRTK
TNGYEGKPALSAEQIEQIRSAPVGLRKVKKRQMRLEAARQQNLLPRYTWGKDFNINICKRGNNFEVTLATKVKKKKEKNY
KVVLGYDANIVRKNTYAAIEAHANGDGVIDYNDLPVKPIESGFVTVESQVRDKSYDQLSYNGVKLLYCKPHVESRRSFLE
KYNGTMKDNRGNNIQIDFMKDFEAIADDETSLYYFNMKYCKLLQSSIRNHSSQAKEYREEIFELLRDGKLSVLKLSSLSN
LSFVMFKVAKSLIGTYFGHLLKKPKNSKSDVKAPPITDEDKQKADPEMFALRLALEEKRLNKVKSKKEVIANKIVAKALE
LRDKYGPVLIKGENISDTTKKGKKSSTNSFLMDWLARGVANKVKEMVMMHQGLEFVEVNPNFTSHQDPFVHKNPENTFRA
RYSRCTPSELTEKNRKEILSFLSDKPSKRPTNAYYNEGAMAFLATYGLKKNDVLGVSLEKFKQIMANILHQRSEDQLLFP
SRGGMFYLATYKLDADATSVNWNGKQFWVCNADLVAAYNVGLVDIQKDFKKK
;
A
2 'polydeoxyribonucleotide'
;(DC)(DA)(DG)(DA)(DC)(DC)(DA)(DT)(DC)(DG)(DA)(DA)(DG)(DC)(DA)(DA)(DT)(DC)(DC)(DA)
(DG)(DC)(DA)(DC)(DG)(DC)(DG)(DA)(DA)(DA)(DG)(DG)(DA)(DC)(DT)(DG)
;
C
3 'polydeoxyribonucleotide' (DC)(DA)(DG)(DT)(DC)(DC)(DT)(DT)(DT)(DC) D
4 'polydeoxyribonucleotide' (DA)(DA)(DA)(DG)(DG)(DA)(DC)(DT)(DG) E
5 'polyribonucleotide' ACGCAAACAAUUUUUGUGCCCAUCGUUGGCACGCGUGCUGGAUUGCUUCGAUGGUCUGC B
#
# COMPACT_ATOMS: atom_id res chain seq x y z
N ALA A 8 -10.02 6.73 -20.75
CA ALA A 8 -10.76 7.62 -19.88
C ALA A 8 -10.70 7.14 -18.44
N SER A 9 -9.71 7.63 -17.70
CA SER A 9 -9.54 7.33 -16.30
C SER A 9 -10.17 8.43 -15.45
N GLU A 10 -10.49 8.08 -14.21
CA GLU A 10 -11.06 9.05 -13.28
C GLU A 10 -10.72 8.66 -11.86
N THR A 11 -10.47 9.69 -11.04
CA THR A 11 -10.17 9.52 -9.62
C THR A 11 -10.98 10.53 -8.84
N ARG A 12 -10.78 10.55 -7.53
CA ARG A 12 -11.51 11.45 -6.64
C ARG A 12 -10.54 12.32 -5.86
N LYS A 13 -10.92 13.57 -5.64
CA LYS A 13 -10.31 14.42 -4.63
C LYS A 13 -11.09 14.29 -3.33
N ALA A 14 -10.64 15.00 -2.30
CA ALA A 14 -11.32 14.97 -1.00
C ALA A 14 -10.83 16.14 -0.18
N TYR A 15 -11.75 16.89 0.41
CA TYR A 15 -11.41 18.12 1.09
C TYR A 15 -11.78 18.14 2.57
N THR A 16 -12.27 17.04 3.12
CA THR A 16 -12.26 16.82 4.57
C THR A 16 -12.62 18.08 5.36
N THR A 17 -13.83 18.60 5.18
CA THR A 17 -14.18 19.89 5.75
C THR A 17 -14.44 19.75 7.25
N LYS A 18 -14.89 20.85 7.86
CA LYS A 18 -15.21 20.89 9.28
C LYS A 18 -16.60 21.50 9.44
N MET A 19 -17.48 20.77 10.10
CA MET A 19 -18.86 21.19 10.23
C MET A 19 -18.99 22.22 11.34
N ILE A 20 -19.49 23.40 11.00
CA ILE A 20 -19.73 24.46 11.97
C ILE A 20 -21.18 24.32 12.45
N PRO A 21 -21.42 24.03 13.73
CA PRO A 21 -22.81 23.86 14.18
C PRO A 21 -23.65 25.10 13.92
N ARG A 22 -24.61 24.98 12.99
CA ARG A 22 -25.46 26.10 12.67
C ARG A 22 -26.36 26.46 13.84
N SER A 23 -27.01 25.45 14.43
CA SER A 23 -27.89 25.65 15.57
C SER A 23 -28.24 24.29 16.13
N HIS A 24 -28.40 24.23 17.46
CA HIS A 24 -28.65 22.95 18.10
C HIS A 24 -29.85 22.24 17.47
N ASP A 25 -30.87 22.99 17.05
CA ASP A 25 -32.03 22.38 16.43
C ASP A 25 -31.69 21.75 15.09
N ARG A 26 -31.01 22.51 14.22
CA ARG A 26 -30.66 21.98 12.90
C ARG A 26 -29.67 20.83 13.02
N MET A 27 -28.68 20.98 13.90
CA MET A 27 -27.71 19.90 14.08
C MET A 27 -28.37 18.66 14.66
N LYS A 28 -29.33 18.82 15.57
CA LYS A 28 -30.04 17.66 16.10
C LYS A 28 -30.90 17.01 15.02
N LEU A 29 -31.49 17.82 14.14
CA LEU A 29 -32.25 17.27 13.02
C LEU A 29 -31.34 16.43 12.11
N LEU A 30 -30.17 16.97 11.78
CA LEU A 30 -29.23 16.23 10.95
C LEU A 30 -28.77 14.96 11.64
N GLY A 31 -28.50 15.04 12.95
CA GLY A 31 -28.11 13.86 13.69
C GLY A 31 -29.20 12.81 13.72
N ASN A 32 -30.45 13.23 13.85
CA ASN A 32 -31.56 12.28 13.81
C ASN A 32 -31.63 11.60 12.45
N PHE A 33 -31.47 12.36 11.37
CA PHE A 33 -31.47 11.74 10.05
C PHE A 33 -30.34 10.73 9.91
N MET A 34 -29.14 11.10 10.37
CA MET A 34 -28.01 10.19 10.30
C MET A 34 -28.27 8.94 11.11
N ASP A 35 -28.82 9.09 12.31
CA ASP A 35 -29.11 7.92 13.14
C ASP A 35 -30.16 7.04 12.49
N TYR A 36 -31.16 7.65 11.85
CA TYR A 36 -32.16 6.87 11.14
C TYR A 36 -31.52 6.02 10.05
N LEU A 37 -30.66 6.64 9.24
CA LEU A 37 -29.99 5.88 8.18
C LEU A 37 -29.11 4.78 8.76
N MET A 38 -28.36 5.09 9.83
CA MET A 38 -27.48 4.09 10.43
C MET A 38 -28.27 2.93 11.00
N ASP A 39 -29.38 3.20 11.68
CA ASP A 39 -30.21 2.13 12.23
C ASP A 39 -30.86 1.31 11.13
N GLY A 40 -31.16 1.93 9.98
CA GLY A 40 -31.75 1.18 8.89
C GLY A 40 -30.77 0.37 8.08
N THR A 41 -29.48 0.73 8.11
CA THR A 41 -28.50 -0.03 7.34
C THR A 41 -28.42 -1.49 7.75
N PRO A 42 -28.30 -1.85 9.03
CA PRO A 42 -28.25 -3.28 9.38
C PRO A 42 -29.43 -4.07 8.88
N ILE A 43 -30.62 -3.47 8.81
CA ILE A 43 -31.78 -4.19 8.29
C ILE A 43 -31.50 -4.67 6.87
N PHE A 44 -30.99 -3.78 6.03
CA PHE A 44 -30.65 -4.17 4.66
C PHE A 44 -29.51 -5.17 4.64
N PHE A 45 -28.52 -5.00 5.52
CA PHE A 45 -27.43 -5.96 5.56
C PHE A 45 -27.96 -7.37 5.79
N GLU A 46 -28.78 -7.54 6.81
CA GLU A 46 -29.34 -8.86 7.11
C GLU A 46 -30.25 -9.34 5.99
N LEU A 47 -31.06 -8.43 5.43
CA LEU A 47 -31.98 -8.83 4.39
C LEU A 47 -31.24 -9.35 3.16
N TRP A 48 -30.14 -8.71 2.80
CA TRP A 48 -29.38 -9.15 1.64
C TRP A 48 -28.55 -10.40 1.95
N ASN A 49 -28.09 -10.57 3.20
CA ASN A 49 -27.53 -11.86 3.55
C ASN A 49 -28.54 -12.97 3.34
N GLN A 50 -29.79 -12.74 3.74
CA GLN A 50 -30.83 -13.74 3.52
C GLN A 50 -31.06 -13.97 2.03
N PHE A 51 -31.17 -12.89 1.25
CA PHE A 51 -31.38 -13.02 -0.19
C PHE A 51 -30.28 -13.88 -0.81
N GLY A 52 -29.02 -13.54 -0.54
CA GLY A 52 -27.93 -14.35 -1.05
C GLY A 52 -28.01 -15.79 -0.58
N GLY A 53 -28.44 -15.99 0.67
CA GLY A 53 -28.63 -17.34 1.15
C GLY A 53 -29.63 -18.12 0.32
N GLY A 54 -30.67 -17.45 -0.16
CA GLY A 54 -31.66 -18.12 -0.98
C GLY A 54 -31.16 -18.56 -2.34
N ILE A 55 -29.97 -18.11 -2.74
CA ILE A 55 -29.43 -18.51 -4.03
C ILE A 55 -29.34 -20.03 -4.10
N ASP A 56 -29.42 -20.57 -5.31
CA ASP A 56 -29.33 -22.00 -5.55
C ASP A 56 -29.23 -22.23 -7.04
N ARG A 57 -28.91 -23.46 -7.44
CA ARG A 57 -28.91 -23.79 -8.84
C ARG A 57 -30.30 -23.57 -9.42
N ASP A 58 -30.35 -23.30 -10.73
CA ASP A 58 -31.52 -22.82 -11.45
C ASP A 58 -31.76 -21.33 -11.21
N ILE A 59 -30.99 -20.70 -10.31
CA ILE A 59 -30.98 -19.26 -10.16
C ILE A 59 -29.70 -18.67 -10.76
N ILE A 60 -28.56 -19.29 -10.48
CA ILE A 60 -27.29 -18.86 -11.06
C ILE A 60 -27.03 -19.47 -12.43
N SER A 61 -27.87 -20.40 -12.88
CA SER A 61 -27.70 -21.04 -14.19
C SER A 61 -28.37 -20.22 -15.28
N GLY A 62 -28.05 -18.93 -15.33
CA GLY A 62 -28.57 -18.05 -16.35
C GLY A 62 -27.48 -17.57 -17.28
N THR A 63 -27.05 -16.32 -17.08
CA THR A 63 -25.92 -15.81 -17.85
C THR A 63 -24.68 -16.66 -17.63
N ALA A 64 -24.44 -17.09 -16.39
CA ALA A 64 -23.31 -17.94 -16.06
C ALA A 64 -21.98 -17.30 -16.45
N ASN A 65 -21.92 -15.97 -16.36
CA ASN A 65 -20.71 -15.23 -16.69
C ASN A 65 -19.90 -14.97 -15.42
N LYS A 66 -18.66 -15.43 -15.41
CA LYS A 66 -17.80 -15.28 -14.24
C LYS A 66 -16.37 -15.65 -14.66
N ASP A 67 -15.40 -14.94 -14.07
CA ASP A 67 -14.01 -15.10 -14.50
C ASP A 67 -13.54 -16.55 -14.39
N LYS A 68 -13.46 -17.07 -13.16
CA LYS A 68 -13.09 -18.47 -12.96
C LYS A 68 -13.84 -19.10 -11.79
N ILE A 69 -14.84 -18.42 -11.22
CA ILE A 69 -15.51 -18.93 -10.05
C ILE A 69 -16.41 -20.09 -10.44
N SER A 70 -16.22 -21.24 -9.79
CA SER A 70 -17.07 -22.39 -10.04
C SER A 70 -18.51 -22.07 -9.64
N ASP A 71 -19.46 -22.73 -10.31
CA ASP A 71 -20.86 -22.57 -9.94
C ASP A 71 -21.14 -23.05 -8.53
N ASP A 72 -20.25 -23.86 -7.94
CA ASP A 72 -20.40 -24.27 -6.55
C ASP A 72 -19.76 -23.29 -5.58
N LEU A 73 -18.64 -22.68 -5.97
CA LEU A 73 -18.04 -21.65 -5.13
C LEU A 73 -18.96 -20.44 -5.00
N LEU A 74 -19.66 -20.07 -6.07
CA LEU A 74 -20.62 -18.99 -5.98
C LEU A 74 -21.70 -19.31 -4.96
N LEU A 75 -22.21 -20.53 -4.98
CA LEU A 75 -23.23 -20.93 -4.02
C LEU A 75 -22.69 -20.89 -2.60
N ALA A 76 -21.52 -21.50 -2.38
CA ALA A 76 -20.94 -21.50 -1.05
C ALA A 76 -20.68 -20.09 -0.55
N VAL A 77 -20.26 -19.19 -1.45
CA VAL A 77 -20.03 -17.81 -1.07
C VAL A 77 -21.33 -17.15 -0.66
N ASN A 78 -22.40 -17.34 -1.43
CA ASN A 78 -23.66 -16.66 -1.16
C ASN A 78 -24.47 -17.30 -0.05
N TRP A 79 -24.11 -18.49 0.41
CA TRP A 79 -24.83 -19.05 1.56
C TRP A 79 -23.91 -19.73 2.58
N PHE A 80 -22.63 -19.38 2.62
CA PHE A 80 -21.74 -19.80 3.71
C PHE A 80 -20.72 -18.70 3.93
N LYS A 81 -20.96 -17.85 4.93
CA LYS A 81 -20.15 -16.67 5.17
C LYS A 81 -19.61 -16.69 6.59
N VAL A 82 -18.35 -16.31 6.73
CA VAL A 82 -17.72 -16.19 8.04
C VAL A 82 -18.02 -14.80 8.58
N MET A 83 -18.68 -14.73 9.72
CA MET A 83 -19.08 -13.49 10.35
C MET A 83 -18.77 -13.57 11.85
N PRO A 84 -18.87 -12.44 12.56
CA PRO A 84 -18.59 -12.48 13.99
C PRO A 84 -19.54 -13.40 14.73
N ILE A 85 -19.06 -13.95 15.85
CA ILE A 85 -19.87 -14.88 16.63
C ILE A 85 -21.15 -14.20 17.10
N ASN A 86 -21.07 -12.92 17.45
CA ASN A 86 -22.22 -12.16 17.96
C ASN A 86 -23.05 -11.64 16.77
N SER A 87 -23.73 -12.57 16.11
CA SER A 87 -24.62 -12.22 15.02
C SER A 87 -25.77 -13.22 14.96
N LYS A 88 -26.85 -12.80 14.32
CA LYS A 88 -28.05 -13.64 14.24
C LYS A 88 -27.81 -14.97 13.56
N PRO A 89 -27.13 -15.04 12.41
CA PRO A 89 -27.10 -16.30 11.63
C PRO A 89 -26.35 -17.43 12.30
N GLN A 90 -25.79 -17.19 13.48
CA GLN A 90 -24.87 -18.13 14.11
C GLN A 90 -25.41 -19.56 14.06
N GLY A 91 -24.49 -20.53 14.11
CA GLY A 91 -24.88 -21.92 14.29
C GLY A 91 -24.27 -22.98 13.39
N VAL A 92 -23.21 -22.69 12.65
CA VAL A 92 -22.55 -23.67 11.80
C VAL A 92 -21.08 -23.78 12.19
N SER A 93 -20.59 -25.06 12.33
CA SER A 93 -19.19 -25.39 12.57
C SER A 93 -18.51 -25.79 11.27
N PRO A 94 -17.21 -25.54 11.13
CA PRO A 94 -16.55 -25.82 9.84
C PRO A 94 -16.65 -27.27 9.40
N SER A 95 -16.63 -28.21 10.34
CA SER A 95 -16.54 -29.63 9.97
C SER A 95 -17.71 -30.06 9.09
N ASN A 96 -18.92 -29.65 9.46
CA ASN A 96 -20.13 -30.11 8.77
C ASN A 96 -20.54 -29.17 7.64
N LEU A 97 -19.65 -28.29 7.19
CA LEU A 97 -19.98 -27.45 6.04
C LEU A 97 -20.17 -28.30 4.79
N ALA A 98 -19.35 -29.33 4.61
CA ALA A 98 -19.44 -30.16 3.41
C ALA A 98 -20.80 -30.84 3.31
N ASN A 99 -21.26 -31.44 4.41
CA ASN A 99 -22.54 -32.15 4.36
C ASN A 99 -23.71 -31.18 4.25
N LEU A 100 -23.58 -29.97 4.79
CA LEU A 100 -24.61 -28.96 4.57
C LEU A 100 -24.67 -28.57 3.10
N PHE A 101 -23.53 -28.27 2.49
CA PHE A 101 -23.51 -27.97 1.07
C PHE A 101 -23.99 -29.14 0.24
N GLN A 102 -23.88 -30.35 0.77
CA GLN A 102 -24.50 -31.51 0.11
C GLN A 102 -26.01 -31.47 0.24
N GLN A 103 -26.51 -31.12 1.43
CA GLN A 103 -27.96 -31.02 1.64
C GLN A 103 -28.57 -30.03 0.67
N TYR A 104 -27.95 -28.87 0.51
CA TYR A 104 -28.37 -27.91 -0.50
C TYR A 104 -27.71 -28.27 -1.84
N SER A 105 -28.42 -27.96 -2.93
CA SER A 105 -27.85 -28.10 -4.27
C SER A 105 -27.71 -29.56 -4.69
N GLY A 106 -28.00 -30.50 -3.79
CA GLY A 106 -27.96 -31.91 -4.14
C GLY A 106 -26.64 -32.40 -4.67
N SER A 107 -25.52 -31.79 -4.29
CA SER A 107 -24.22 -32.23 -4.75
C SER A 107 -23.17 -31.90 -3.70
N GLU A 108 -22.07 -32.65 -3.72
CA GLU A 108 -20.99 -32.43 -2.78
C GLU A 108 -20.10 -31.27 -3.23
N PRO A 109 -19.37 -30.65 -2.30
CA PRO A 109 -18.52 -29.54 -2.68
C PRO A 109 -17.46 -29.95 -3.69
N ASP A 110 -17.17 -29.05 -4.63
CA ASP A 110 -16.11 -29.26 -5.60
C ASP A 110 -14.80 -28.73 -5.03
N ILE A 111 -13.75 -28.70 -5.86
CA ILE A 111 -12.44 -28.28 -5.37
C ILE A 111 -12.49 -26.84 -4.87
N GLN A 112 -13.10 -25.94 -5.65
CA GLN A 112 -13.15 -24.55 -5.24
C GLN A 112 -13.98 -24.33 -3.99
N ALA A 113 -15.12 -25.00 -3.86
CA ALA A 113 -15.92 -24.91 -2.64
C ALA A 113 -15.30 -25.63 -1.47
N GLN A 114 -14.60 -26.75 -1.71
CA GLN A 114 -13.85 -27.39 -0.65
C GLN A 114 -12.77 -26.47 -0.10
N GLU A 115 -12.07 -25.76 -0.98
CA GLU A 115 -11.07 -24.80 -0.52
C GLU A 115 -11.70 -23.68 0.26
N TYR A 116 -12.86 -23.18 -0.20
CA TYR A 116 -13.56 -22.13 0.54
C TYR A 116 -13.91 -22.59 1.94
N PHE A 117 -14.55 -23.76 2.05
CA PHE A 117 -14.94 -24.26 3.37
C PHE A 117 -13.72 -24.54 4.23
N ALA A 118 -12.70 -25.19 3.67
CA ALA A 118 -11.49 -25.53 4.42
C ALA A 118 -10.51 -24.37 4.43
N SER A 119 -10.99 -23.19 4.80
CA SER A 119 -10.17 -21.98 4.89
C SER A 119 -10.04 -21.57 6.34
N ASN A 120 -8.84 -21.14 6.71
CA ASN A 120 -8.59 -20.71 8.08
C ASN A 120 -9.36 -19.43 8.40
N PHE A 121 -9.58 -19.21 9.70
CA PHE A 121 -10.13 -17.97 10.20
C PHE A 121 -9.84 -17.91 11.69
N ASP A 122 -10.43 -16.94 12.38
CA ASP A 122 -10.22 -16.75 13.81
C ASP A 122 -11.45 -17.32 14.53
N THR A 123 -11.31 -18.54 15.04
CA THR A 123 -12.42 -19.16 15.76
C THR A 123 -12.80 -18.40 17.02
N GLU A 124 -11.89 -17.58 17.56
CA GLU A 124 -12.21 -16.82 18.75
C GLU A 124 -13.23 -15.73 18.46
N LYS A 125 -13.10 -15.05 17.32
CA LYS A 125 -13.95 -13.91 17.00
C LYS A 125 -14.93 -14.18 15.86
N HIS A 126 -14.55 -15.00 14.88
CA HIS A 126 -15.37 -15.24 13.70
C HIS A 126 -15.80 -16.70 13.66
N GLN A 127 -17.01 -16.91 13.17
CA GLN A 127 -17.60 -18.24 13.10
C GLN A 127 -18.36 -18.36 11.78
N TRP A 128 -18.26 -19.53 11.16
CA TRP A 128 -19.08 -19.80 9.98
C TRP A 128 -20.55 -19.62 10.34
N LYS A 129 -21.37 -19.44 9.31
CA LYS A 129 -22.80 -19.24 9.50
C LYS A 129 -23.55 -19.81 8.31
N ASP A 130 -24.65 -20.51 8.59
CA ASP A 130 -25.31 -21.31 7.57
C ASP A 130 -25.80 -20.45 6.42
N MET A 131 -26.40 -19.30 6.73
CA MET A 131 -26.82 -18.34 5.71
C MET A 131 -27.92 -18.88 4.82
N ARG A 132 -28.26 -20.17 4.95
CA ARG A 132 -29.40 -20.75 4.27
C ARG A 132 -30.54 -21.03 5.23
N VAL A 133 -30.25 -21.08 6.53
CA VAL A 133 -31.30 -21.01 7.54
C VAL A 133 -31.77 -19.58 7.72
N GLU A 134 -30.96 -18.61 7.28
CA GLU A 134 -31.40 -17.22 7.32
C GLU A 134 -32.42 -16.93 6.22
N TYR A 135 -32.21 -17.49 5.02
CA TYR A 135 -33.22 -17.37 3.98
C TYR A 135 -34.51 -18.10 4.38
N GLU A 136 -34.37 -19.27 4.99
CA GLU A 136 -35.55 -19.98 5.49
C GLU A 136 -36.24 -19.18 6.59
N ARG A 137 -35.45 -18.49 7.43
CA ARG A 137 -36.05 -17.64 8.46
C ARG A 137 -36.76 -16.44 7.85
N LEU A 138 -36.23 -15.90 6.75
CA LEU A 138 -36.94 -14.87 6.03
C LEU A 138 -38.27 -15.39 5.51
N LEU A 139 -38.27 -16.59 4.92
CA LEU A 139 -39.51 -17.17 4.45
C LEU A 139 -40.50 -17.37 5.59
N ALA A 140 -40.03 -17.87 6.73
CA ALA A 140 -40.93 -18.18 7.84
C ALA A 140 -41.48 -16.91 8.48
N GLU A 141 -40.61 -15.96 8.80
CA GLU A 141 -41.02 -14.78 9.56
C GLU A 141 -41.76 -13.76 8.71
N LEU A 142 -41.64 -13.82 7.39
CA LEU A 142 -42.44 -13.00 6.49
C LEU A 142 -43.52 -13.82 5.79
N GLN A 143 -43.59 -15.12 6.07
CA GLN A 143 -44.63 -16.01 5.56
C GLN A 143 -44.93 -15.72 4.09
N LEU A 144 -43.91 -15.90 3.25
CA LEU A 144 -44.05 -15.82 1.81
C LEU A 144 -43.71 -17.17 1.20
N SER A 145 -44.49 -17.57 0.20
CA SER A 145 -44.34 -18.90 -0.38
C SER A 145 -42.93 -19.11 -0.90
N ARG A 146 -42.36 -20.28 -0.60
CA ARG A 146 -41.01 -20.58 -1.06
C ARG A 146 -40.92 -20.47 -2.58
N SER A 147 -41.96 -20.89 -3.29
CA SER A 147 -41.95 -20.76 -4.75
C SER A 147 -41.95 -19.29 -5.18
N ASP A 148 -42.76 -18.47 -4.51
CA ASP A 148 -42.82 -17.05 -4.87
C ASP A 148 -41.49 -16.37 -4.60
N MET A 149 -40.88 -16.62 -3.44
CA MET A 149 -39.58 -16.03 -3.15
C MET A 149 -38.50 -16.58 -4.07
N HIS A 150 -38.62 -17.85 -4.48
CA HIS A 150 -37.69 -18.41 -5.44
C HIS A 150 -37.76 -17.63 -6.75
N HIS A 151 -38.97 -17.43 -7.26
CA HIS A 151 -39.13 -16.61 -8.46
C HIS A 151 -38.56 -15.21 -8.24
N ASP A 152 -38.85 -14.62 -7.09
CA ASP A 152 -38.44 -13.24 -6.84
C ASP A 152 -36.93 -13.09 -6.83
N LEU A 153 -36.22 -13.98 -6.12
CA LEU A 153 -34.78 -13.81 -6.02
C LEU A 153 -34.07 -14.33 -7.27
N LYS A 154 -34.68 -15.24 -8.03
CA LYS A 154 -34.16 -15.52 -9.36
C LYS A 154 -34.23 -14.27 -10.23
N LEU A 155 -35.36 -13.55 -10.17
CA LEU A 155 -35.49 -12.30 -10.91
C LEU A 155 -34.47 -11.28 -10.41
N MET A 156 -34.25 -11.23 -9.10
CA MET A 156 -33.21 -10.35 -8.55
C MET A 156 -31.85 -10.68 -9.16
N TYR A 157 -31.47 -11.96 -9.13
CA TYR A 157 -30.19 -12.36 -9.70
C TYR A 157 -30.09 -11.93 -11.16
N LYS A 158 -31.12 -12.22 -11.95
CA LYS A 158 -31.10 -11.78 -13.34
C LYS A 158 -31.03 -10.27 -13.45
N GLU A 159 -31.53 -9.55 -12.46
CA GLU A 159 -31.42 -8.10 -12.38
C GLU A 159 -30.14 -7.66 -11.68
N LYS A 160 -29.26 -8.60 -11.33
CA LYS A 160 -28.00 -8.29 -10.66
C LYS A 160 -28.22 -7.55 -9.35
N CYS A 161 -29.30 -7.88 -8.65
CA CYS A 161 -29.53 -7.40 -7.29
C CYS A 161 -29.01 -8.37 -6.24
N ILE A 162 -28.47 -9.51 -6.66
CA ILE A 162 -27.93 -10.50 -5.73
C ILE A 162 -26.95 -11.37 -6.50
N GLY A 163 -26.06 -12.03 -5.78
CA GLY A 163 -25.04 -12.86 -6.39
C GLY A 163 -23.67 -12.20 -6.31
N LEU A 164 -22.97 -12.18 -7.45
CA LEU A 164 -21.70 -11.49 -7.57
C LEU A 164 -21.77 -10.48 -8.70
N SER A 165 -21.00 -9.41 -8.58
CA SER A 165 -21.08 -8.27 -9.48
C SER A 165 -22.47 -7.63 -9.42
N LEU A 166 -22.87 -7.27 -8.20
CA LEU A 166 -24.14 -6.59 -8.00
C LEU A 166 -24.15 -5.25 -8.73
N SER A 167 -25.35 -4.72 -8.94
CA SER A 167 -25.59 -3.39 -9.59
C SER A 167 -25.46 -2.30 -8.53
N THR A 168 -25.47 -1.03 -8.94
CA THR A 168 -25.32 0.11 -7.98
C THR A 168 -26.57 0.13 -7.10
N ALA A 169 -26.41 0.28 -5.77
CA ALA A 169 -27.51 0.27 -4.78
C ALA A 169 -28.71 1.10 -5.25
N HIS A 170 -28.50 2.32 -5.75
CA HIS A 170 -29.59 3.13 -6.28
C HIS A 170 -30.45 2.32 -7.25
N TYR A 171 -29.80 1.62 -8.19
CA TYR A 171 -30.55 0.83 -9.15
C TYR A 171 -31.32 -0.29 -8.48
N ILE A 172 -30.69 -0.97 -7.53
CA ILE A 172 -31.36 -2.08 -6.86
C ILE A 172 -32.60 -1.58 -6.13
N THR A 173 -32.48 -0.48 -5.40
CA THR A 173 -33.63 0.07 -4.69
C THR A 173 -34.72 0.48 -5.67
N SER A 174 -34.35 1.20 -6.74
CA SER A 174 -35.34 1.65 -7.70
C SER A 174 -36.04 0.47 -8.38
N VAL A 175 -35.36 -0.66 -8.50
CA VAL A 175 -35.95 -1.81 -9.18
C VAL A 175 -36.86 -2.59 -8.24
N MET A 176 -36.34 -2.99 -7.08
CA MET A 176 -37.13 -3.82 -6.18
C MET A 176 -38.16 -3.02 -5.40
N PHE A 177 -37.89 -1.74 -5.14
CA PHE A 177 -38.81 -0.87 -4.42
C PHE A 177 -38.97 0.38 -5.27
N GLY A 178 -39.93 0.36 -6.18
CA GLY A 178 -40.16 1.49 -7.06
C GLY A 178 -41.63 1.59 -7.42
N THR A 179 -42.05 2.81 -7.74
CA THR A 179 -43.41 3.09 -8.17
C THR A 179 -43.40 3.34 -9.67
N GLY A 180 -44.11 2.51 -10.42
CA GLY A 180 -44.10 2.58 -11.86
C GLY A 180 -42.85 1.94 -12.44
N ALA A 181 -42.80 1.92 -13.77
CA ALA A 181 -41.66 1.36 -14.48
C ALA A 181 -41.89 1.57 -15.97
N LYS A 182 -40.84 1.30 -16.75
CA LYS A 182 -40.98 1.31 -18.20
C LYS A 182 -41.94 0.20 -18.65
N ASN A 183 -41.83 -0.97 -18.04
CA ASN A 183 -42.63 -2.14 -18.41
C ASN A 183 -42.38 -2.56 -19.84
N ASN A 184 -41.33 -2.02 -20.46
CA ASN A 184 -40.96 -2.34 -21.83
C ASN A 184 -40.01 -3.53 -21.91
N ARG A 185 -40.03 -4.40 -20.89
CA ARG A 185 -39.19 -5.59 -20.94
C ARG A 185 -39.51 -6.40 -22.18
N GLN A 186 -40.75 -6.88 -22.32
CA GLN A 186 -41.14 -7.59 -23.53
C GLN A 186 -41.04 -6.70 -24.76
N THR A 187 -41.38 -5.42 -24.62
CA THR A 187 -41.26 -4.50 -25.75
C THR A 187 -39.81 -4.39 -26.21
N LYS A 188 -38.89 -4.22 -25.25
CA LYS A 188 -37.48 -4.15 -25.60
C LYS A 188 -36.97 -5.47 -26.16
N HIS A 189 -37.48 -6.60 -25.66
CA HIS A 189 -37.07 -7.89 -26.20
C HIS A 189 -37.50 -8.01 -27.66
N GLN A 190 -38.72 -7.61 -27.97
CA GLN A 190 -39.16 -7.63 -29.37
C GLN A 190 -38.33 -6.68 -30.22
N PHE A 191 -38.03 -5.49 -29.70
CA PHE A 191 -37.21 -4.54 -30.44
C PHE A 191 -35.85 -5.14 -30.75
N TYR A 192 -35.22 -5.77 -29.76
CA TYR A 192 -33.88 -6.32 -29.96
C TYR A 192 -33.91 -7.53 -30.88
N SER A 193 -34.93 -8.38 -30.76
CA SER A 193 -35.06 -9.50 -31.67
C SER A 193 -35.23 -9.03 -33.10
N LYS A 194 -36.05 -7.99 -33.31
CA LYS A 194 -36.20 -7.41 -34.63
C LYS A 194 -34.87 -6.85 -35.13
N VAL A 195 -34.15 -6.12 -34.28
CA VAL A 195 -32.90 -5.50 -34.71
C VAL A 195 -31.88 -6.56 -35.11
N ILE A 196 -31.73 -7.61 -34.31
CA ILE A 196 -30.79 -8.66 -34.67
C ILE A 196 -31.25 -9.36 -35.94
N GLN A 197 -32.56 -9.59 -36.07
CA GLN A 197 -33.09 -10.17 -37.30
C GLN A 197 -32.76 -9.32 -38.52
N LEU A 198 -32.56 -8.02 -38.33
CA LEU A 198 -32.16 -7.12 -39.40
C LEU A 198 -30.65 -6.99 -39.55
N LEU A 199 -29.88 -7.68 -38.71
CA LEU A 199 -28.42 -7.64 -38.78
C LEU A 199 -27.85 -9.04 -38.87
N GLU A 200 -28.48 -9.99 -38.18
CA GLU A 200 -27.99 -11.36 -38.14
C GLU A 200 -28.24 -12.06 -39.48
N LEU A 211 -23.25 3.66 -40.76
CA LEU A 211 -24.55 4.30 -40.65
C LEU A 211 -25.67 3.36 -41.08
N ALA A 212 -25.31 2.30 -41.82
CA ALA A 212 -26.31 1.32 -42.22
C ALA A 212 -26.99 0.70 -41.01
N SER A 213 -26.22 0.46 -39.94
CA SER A 213 -26.83 -0.03 -38.71
C SER A 213 -27.85 0.95 -38.17
N ILE A 214 -27.64 2.25 -38.36
CA ILE A 214 -28.63 3.23 -37.95
C ILE A 214 -29.93 3.04 -38.72
N ILE A 215 -29.83 2.80 -40.03
CA ILE A 215 -31.03 2.55 -40.82
C ILE A 215 -31.73 1.26 -40.35
N LEU A 216 -30.95 0.21 -40.08
CA LEU A 216 -31.54 -1.03 -39.61
C LEU A 216 -32.28 -0.83 -38.29
N LYS A 217 -31.67 -0.10 -37.37
CA LYS A 217 -32.32 0.18 -36.09
C LYS A 217 -33.57 1.02 -36.28
N ALA A 218 -33.52 2.02 -37.15
CA ALA A 218 -34.66 2.88 -37.39
C ALA A 218 -35.84 2.14 -38.02
N GLY A 219 -35.62 0.94 -38.52
CA GLY A 219 -36.69 0.15 -39.13
C GLY A 219 -37.62 -0.48 -38.10
N ASP A 220 -37.51 -0.11 -36.83
CA ASP A 220 -38.41 -0.61 -35.79
C ASP A 220 -39.69 0.22 -35.73
N CYS A 221 -40.33 0.40 -36.88
CA CYS A 221 -41.54 1.21 -36.98
C CYS A 221 -41.36 2.55 -36.27
N ASP A 222 -40.18 3.13 -36.42
CA ASP A 222 -39.85 4.40 -35.78
C ASP A 222 -39.30 5.36 -36.83
N SER A 223 -39.85 6.56 -36.89
CA SER A 223 -39.40 7.54 -37.87
C SER A 223 -38.04 8.10 -37.50
N TYR A 224 -37.84 8.45 -36.22
CA TYR A 224 -36.60 9.07 -35.78
C TYR A 224 -36.30 8.61 -34.36
N ARG A 225 -35.27 9.23 -33.75
CA ARG A 225 -34.84 8.83 -32.41
C ARG A 225 -35.96 9.04 -31.39
N LYS A 226 -36.67 10.17 -31.48
CA LYS A 226 -37.71 10.46 -30.49
C LYS A 226 -38.78 9.38 -30.48
N LEU A 227 -39.20 8.93 -31.66
CA LEU A 227 -40.25 7.91 -31.73
C LEU A 227 -39.82 6.61 -31.07
N ARG A 228 -38.62 6.12 -31.41
CA ARG A 228 -38.17 4.85 -30.83
C ARG A 228 -37.91 5.00 -29.34
N ILE A 229 -37.46 6.18 -28.91
CA ILE A 229 -37.32 6.42 -27.47
C ILE A 229 -38.67 6.33 -26.79
N ARG A 230 -39.70 6.94 -27.39
CA ARG A 230 -41.04 6.91 -26.81
C ARG A 230 -41.71 5.55 -26.95
N CYS A 231 -41.17 4.64 -27.76
CA CYS A 231 -41.80 3.34 -28.01
C CYS A 231 -41.09 2.21 -27.27
N SER A 232 -39.78 2.07 -27.46
CA SER A 232 -39.06 0.91 -26.93
C SER A 232 -38.48 1.15 -25.54
N ARG A 233 -37.80 2.28 -25.35
CA ARG A 233 -37.13 2.58 -24.07
C ARG A 233 -37.49 4.01 -23.69
N LYS A 234 -38.38 4.15 -22.71
CA LYS A 234 -38.87 5.44 -22.27
C LYS A 234 -38.48 5.69 -20.81
N GLY A 235 -38.29 6.97 -20.48
CA GLY A 235 -38.04 7.36 -19.10
C GLY A 235 -36.76 6.79 -18.54
N ALA A 236 -35.67 6.91 -19.28
CA ALA A 236 -34.36 6.42 -18.84
C ALA A 236 -33.31 6.97 -19.80
N THR A 237 -32.07 6.56 -19.60
CA THR A 237 -31.01 6.90 -20.54
C THR A 237 -31.11 5.98 -21.77
N PRO A 238 -30.78 6.51 -22.96
CA PRO A 238 -30.95 5.70 -24.17
C PRO A 238 -30.18 4.40 -24.09
N SER A 239 -30.77 3.34 -24.63
CA SER A 239 -30.16 2.03 -24.58
C SER A 239 -28.80 2.06 -25.28
N ILE A 240 -28.05 0.97 -25.14
CA ILE A 240 -26.66 0.96 -25.53
C ILE A 240 -26.47 1.43 -26.98
N LEU A 241 -25.88 2.61 -27.13
CA LEU A 241 -25.49 3.15 -28.44
C LEU A 241 -26.55 2.87 -29.51
N LYS A 242 -27.80 3.18 -29.19
CA LYS A 242 -28.88 3.08 -30.16
C LYS A 242 -29.43 4.45 -30.54
N ILE A 243 -29.92 5.22 -29.57
CA ILE A 243 -30.38 6.57 -29.86
C ILE A 243 -29.21 7.51 -30.13
N VAL A 244 -28.14 7.39 -29.33
CA VAL A 244 -26.94 8.17 -29.59
C VAL A 244 -26.33 7.79 -30.93
N GLN A 245 -26.31 6.49 -31.24
CA GLN A 245 -25.80 6.06 -32.54
C GLN A 245 -26.62 6.63 -33.68
N ASP A 246 -27.95 6.60 -33.56
CA ASP A 246 -28.80 7.16 -34.60
C ASP A 246 -28.55 8.66 -34.76
N TYR A 247 -28.47 9.38 -33.64
CA TYR A 247 -28.22 10.82 -33.71
C TYR A 247 -26.89 11.11 -34.38
N GLU A 248 -25.84 10.36 -34.02
CA GLU A 248 -24.53 10.58 -34.61
C GLU A 248 -24.54 10.28 -36.10
N LEU A 249 -25.21 9.20 -36.51
CA LEU A 249 -25.24 8.81 -37.91
C LEU A 249 -26.11 9.72 -38.77
N GLY A 250 -26.96 10.54 -38.15
CA GLY A 250 -27.83 11.45 -38.89
C GLY A 250 -27.72 12.90 -38.42
N THR A 251 -26.97 13.17 -37.36
CA THR A 251 -26.82 14.53 -36.86
C THR A 251 -25.67 14.61 -35.88
N VAL A 259 -17.59 -3.67 -35.72
CA VAL A 259 -18.96 -3.20 -35.69
C VAL A 259 -19.96 -4.35 -35.61
N PRO A 260 -19.78 -5.40 -36.44
CA PRO A 260 -20.74 -6.51 -36.42
C PRO A 260 -20.64 -7.39 -35.18
N SER A 261 -19.72 -7.10 -34.26
CA SER A 261 -19.56 -7.93 -33.07
C SER A 261 -20.57 -7.58 -31.97
N LEU A 262 -21.37 -6.53 -32.14
CA LEU A 262 -22.37 -6.17 -31.15
C LEU A 262 -23.56 -7.13 -31.12
N ILE A 263 -23.67 -8.02 -32.10
CA ILE A 263 -24.81 -8.93 -32.14
C ILE A 263 -24.79 -9.86 -30.95
N ALA A 264 -23.61 -10.37 -30.60
CA ALA A 264 -23.49 -11.25 -29.43
C ALA A 264 -23.88 -10.52 -28.15
N ASN A 265 -23.46 -9.25 -28.02
CA ASN A 265 -23.83 -8.47 -26.85
C ASN A 265 -25.34 -8.29 -26.77
N LEU A 266 -25.97 -7.93 -27.89
CA LEU A 266 -27.41 -7.74 -27.88
C LEU A 266 -28.15 -9.05 -27.63
N LYS A 267 -27.57 -10.18 -28.04
CA LYS A 267 -28.21 -11.46 -27.80
C LYS A 267 -28.07 -11.90 -26.35
N GLU A 268 -26.93 -11.61 -25.72
CA GLU A 268 -26.78 -11.94 -24.31
C GLU A 268 -27.54 -10.98 -23.41
N LYS A 269 -27.84 -9.78 -23.89
CA LYS A 269 -28.73 -8.89 -23.16
C LYS A 269 -30.19 -9.32 -23.26
N LEU A 270 -30.52 -10.27 -24.13
CA LEU A 270 -31.89 -10.74 -24.24
C LEU A 270 -32.31 -11.54 -23.01
N GLY A 271 -31.37 -12.03 -22.21
CA GLY A 271 -31.75 -12.64 -20.95
C GLY A 271 -32.58 -11.70 -20.10
N ARG A 272 -32.17 -10.44 -20.04
CA ARG A 272 -33.02 -9.39 -19.50
C ARG A 272 -34.13 -9.06 -20.49
N PHE A 273 -35.05 -8.20 -20.06
CA PHE A 273 -36.15 -7.74 -20.92
C PHE A 273 -37.10 -8.87 -21.28
N GLU A 274 -37.08 -9.96 -20.52
CA GLU A 274 -37.97 -11.08 -20.76
C GLU A 274 -38.97 -11.31 -19.63
N TYR A 275 -38.70 -10.80 -18.44
CA TYR A 275 -39.47 -11.20 -17.26
C TYR A 275 -40.62 -10.24 -16.97
N GLU A 276 -40.46 -8.95 -17.31
CA GLU A 276 -41.42 -7.87 -17.07
C GLU A 276 -41.40 -7.39 -15.62
N CYS A 277 -40.54 -7.94 -14.77
CA CYS A 277 -40.34 -7.42 -13.41
C CYS A 277 -41.63 -7.46 -12.60
N GLU A 278 -42.21 -8.65 -12.47
CA GLU A 278 -43.35 -8.87 -11.59
C GLU A 278 -42.83 -9.47 -10.29
N TRP A 279 -42.84 -8.66 -9.23
CA TRP A 279 -42.34 -9.11 -7.93
C TRP A 279 -43.46 -9.79 -7.16
N LYS A 280 -43.27 -11.06 -6.84
CA LYS A 280 -44.27 -11.82 -6.11
C LYS A 280 -44.15 -11.65 -4.60
N CYS A 281 -43.03 -11.13 -4.10
CA CYS A 281 -42.82 -10.99 -2.67
C CYS A 281 -42.18 -9.67 -2.27
N MET A 282 -41.88 -8.77 -3.21
CA MET A 282 -41.26 -7.52 -2.83
C MET A 282 -42.23 -6.59 -2.10
N GLU A 283 -43.54 -6.81 -2.22
CA GLU A 283 -44.47 -6.02 -1.44
C GLU A 283 -44.39 -6.36 0.04
N LYS A 284 -44.34 -7.66 0.36
CA LYS A 284 -44.20 -8.07 1.75
C LYS A 284 -42.85 -7.64 2.31
N ILE A 285 -41.78 -7.77 1.53
CA ILE A 285 -40.46 -7.36 1.99
C ILE A 285 -40.42 -5.84 2.19
N LYS A 286 -41.04 -5.09 1.28
CA LYS A 286 -41.10 -3.65 1.42
C LYS A 286 -41.87 -3.26 2.68
N ALA A 287 -42.98 -3.95 2.96
CA ALA A 287 -43.73 -3.69 4.18
C ALA A 287 -42.89 -4.03 5.42
N PHE A 288 -42.13 -5.12 5.37
CA PHE A 288 -41.26 -5.46 6.48
C PHE A 288 -40.20 -4.39 6.71
N LEU A 289 -39.61 -3.89 5.62
CA LEU A 289 -38.64 -2.81 5.74
C LEU A 289 -39.29 -1.58 6.36
N ALA A 290 -40.46 -1.19 5.86
CA ALA A 290 -41.18 -0.06 6.45
C ALA A 290 -41.47 -0.29 7.92
N SER A 291 -41.69 -1.54 8.33
CA SER A 291 -41.84 -1.84 9.75
C SER A 291 -40.54 -1.60 10.50
N LYS A 292 -39.43 -2.06 9.95
CA LYS A 292 -38.13 -1.95 10.60
C LYS A 292 -37.46 -0.61 10.31
N VAL A 293 -37.46 -0.20 9.04
CA VAL A 293 -36.94 1.10 8.63
C VAL A 293 -38.12 2.01 8.36
N GLY A 294 -37.88 3.31 8.20
CA GLY A 294 -38.94 4.25 7.98
C GLY A 294 -39.68 3.98 6.67
N PRO A 295 -40.56 4.88 6.29
CA PRO A 295 -41.31 4.68 5.04
C PRO A 295 -40.38 4.73 3.84
N TYR A 296 -40.77 4.02 2.78
CA TYR A 296 -39.89 3.89 1.62
C TYR A 296 -39.63 5.26 0.99
N TYR A 297 -38.35 5.64 0.96
CA TYR A 297 -37.89 6.76 0.16
C TYR A 297 -36.71 6.30 -0.66
N LEU A 298 -36.69 6.65 -1.95
CA LEU A 298 -35.66 6.13 -2.83
C LEU A 298 -34.28 6.55 -2.36
N GLY A 299 -34.12 7.80 -1.95
CA GLY A 299 -32.82 8.25 -1.47
C GLY A 299 -32.40 7.54 -0.20
N SER A 300 -33.29 7.45 0.78
CA SER A 300 -32.94 6.85 2.06
C SER A 300 -32.64 5.37 1.90
N TYR A 301 -33.53 4.65 1.21
CA TYR A 301 -33.32 3.22 0.99
C TYR A 301 -32.08 2.98 0.15
N SER A 302 -31.84 3.82 -0.85
CA SER A 302 -30.65 3.66 -1.68
C SER A 302 -29.39 3.85 -0.87
N ALA A 303 -29.37 4.86 0.01
CA ALA A 303 -28.19 5.10 0.83
C ALA A 303 -27.96 3.95 1.81
N MET A 304 -29.02 3.51 2.49
CA MET A 304 -28.87 2.43 3.46
C MET A 304 -28.43 1.14 2.78
N LEU A 305 -29.02 0.82 1.62
CA LEU A 305 -28.59 -0.37 0.89
C LEU A 305 -27.17 -0.21 0.35
N GLU A 306 -26.78 1.02 0.01
CA GLU A 306 -25.42 1.25 -0.46
C GLU A 306 -24.41 0.98 0.64
N ASN A 307 -24.74 1.37 1.86
CA ASN A 307 -23.84 1.11 2.99
C ASN A 307 -23.98 -0.30 3.53
N ALA A 308 -25.04 -1.02 3.17
CA ALA A 308 -25.20 -2.41 3.59
C ALA A 308 -24.60 -3.40 2.60
N LEU A 309 -24.61 -3.08 1.30
CA LEU A 309 -24.08 -3.97 0.28
C LEU A 309 -22.57 -3.96 0.22
N SER A 310 -21.94 -2.81 0.47
CA SER A 310 -20.50 -2.71 0.30
C SER A 310 -19.76 -3.82 1.02
N PRO A 311 -19.98 -4.06 2.32
CA PRO A 311 -19.30 -5.20 2.95
C PRO A 311 -19.64 -6.51 2.30
N ILE A 312 -20.90 -6.72 1.93
CA ILE A 312 -21.33 -8.01 1.40
C ILE A 312 -20.60 -8.31 0.10
N LYS A 313 -20.82 -7.48 -0.92
CA LYS A 313 -20.20 -7.72 -2.22
C LYS A 313 -18.67 -7.60 -2.16
N GLY A 314 -18.15 -6.66 -1.38
CA GLY A 314 -16.72 -6.54 -1.25
C GLY A 314 -16.09 -7.80 -0.72
N MET A 315 -16.56 -8.31 0.41
CA MET A 315 -15.98 -9.52 0.96
C MET A 315 -16.28 -10.72 0.08
N THR A 316 -17.39 -10.73 -0.64
CA THR A 316 -17.66 -11.82 -1.56
C THR A 316 -16.61 -11.88 -2.66
N THR A 317 -16.34 -10.74 -3.30
CA THR A 317 -15.30 -10.70 -4.32
C THR A 317 -13.94 -11.02 -3.74
N LYS A 318 -13.64 -10.45 -2.57
CA LYS A 318 -12.35 -10.71 -1.93
C LYS A 318 -12.16 -12.19 -1.66
N ASN A 319 -13.20 -12.87 -1.16
CA ASN A 319 -13.09 -14.29 -0.85
C ASN A 319 -13.05 -15.13 -2.12
N CYS A 320 -13.75 -14.73 -3.18
CA CYS A 320 -13.66 -15.47 -4.43
C CYS A 320 -12.23 -15.44 -4.97
N LYS A 321 -11.65 -14.25 -5.08
CA LYS A 321 -10.27 -14.15 -5.55
C LYS A 321 -9.33 -14.86 -4.59
N PHE A 322 -9.62 -14.78 -3.29
CA PHE A 322 -8.78 -15.45 -2.30
C PHE A 322 -8.79 -16.96 -2.48
N VAL A 323 -9.96 -17.54 -2.75
CA VAL A 323 -10.04 -18.99 -2.93
C VAL A 323 -9.35 -19.40 -4.22
N LEU A 324 -9.50 -18.60 -5.27
CA LEU A 324 -8.74 -18.90 -6.49
C LEU A 324 -7.24 -18.87 -6.22
N LYS A 325 -6.78 -17.86 -5.48
CA LYS A 325 -5.37 -17.79 -5.12
C LYS A 325 -4.95 -18.98 -4.29
N GLN A 326 -5.82 -19.43 -3.38
CA GLN A 326 -5.49 -20.56 -2.52
C GLN A 326 -5.34 -21.84 -3.32
N ILE A 327 -6.25 -22.09 -4.28
CA ILE A 327 -6.10 -23.28 -5.10
C ILE A 327 -4.84 -23.19 -5.95
N ASP A 328 -4.54 -22.00 -6.49
CA ASP A 328 -3.32 -21.84 -7.27
C ASP A 328 -2.09 -22.10 -6.42
N ALA A 329 -2.08 -21.61 -5.18
CA ALA A 329 -0.94 -21.79 -4.30
C ALA A 329 -0.78 -23.24 -3.83
N LYS A 330 -1.88 -23.94 -3.58
CA LYS A 330 -1.81 -25.34 -3.21
C LYS A 330 -1.41 -26.21 -4.39
N ASN A 331 -1.71 -25.79 -5.61
CA ASN A 331 -1.19 -26.48 -6.78
C ASN A 331 0.32 -26.31 -6.90
N ASP A 332 0.90 -25.28 -6.29
CA ASP A 332 2.34 -25.09 -6.31
C ASP A 332 3.05 -25.87 -5.22
N ILE A 333 2.33 -26.38 -4.23
CA ILE A 333 2.94 -27.24 -3.23
C ILE A 333 3.19 -28.61 -3.85
N LYS A 334 4.45 -29.05 -3.82
CA LYS A 334 4.82 -30.27 -4.53
C LYS A 334 4.04 -31.47 -4.00
N TYR A 335 4.01 -31.65 -2.68
CA TYR A 335 3.29 -32.73 -2.04
C TYR A 335 3.90 -34.09 -2.32
N GLU A 336 4.93 -34.15 -3.17
CA GLU A 336 5.76 -35.34 -3.27
C GLU A 336 6.96 -35.28 -2.32
N ASN A 337 7.28 -34.09 -1.82
CA ASN A 337 8.30 -33.91 -0.80
C ASN A 337 7.75 -34.12 0.61
N GLU A 338 6.48 -34.51 0.72
CA GLU A 338 5.88 -34.73 2.03
C GLU A 338 6.69 -35.71 2.89
N PRO A 339 7.14 -36.86 2.38
CA PRO A 339 7.98 -37.72 3.24
C PRO A 339 9.25 -37.03 3.70
N PHE A 340 9.86 -36.20 2.85
CA PHE A 340 11.01 -35.41 3.27
C PHE A 340 10.62 -34.41 4.35
N GLY A 341 9.43 -33.82 4.23
CA GLY A 341 8.93 -32.97 5.29
C GLY A 341 8.79 -33.72 6.59
N LYS A 342 8.28 -34.95 6.55
CA LYS A 342 8.19 -35.78 7.75
C LYS A 342 9.57 -36.03 8.34
N ILE A 343 10.55 -36.36 7.49
CA ILE A 343 11.90 -36.65 7.98
C ILE A 343 12.48 -35.42 8.67
N VAL A 344 12.32 -34.25 8.07
CA VAL A 344 12.87 -33.04 8.65
C VAL A 344 12.13 -32.67 9.93
N GLU A 345 10.80 -32.74 9.91
CA GLU A 345 10.00 -32.42 11.09
C GLU A 345 10.21 -33.42 12.21
N GLY A 346 10.81 -34.57 11.93
CA GLY A 346 11.20 -35.49 12.97
C GLY A 346 12.25 -34.89 13.88
N PHE A 347 12.65 -33.64 13.55
CA PHE A 347 13.51 -32.76 14.39
C PHE A 347 12.87 -32.54 15.77
N PHE A 348 11.54 -32.43 15.81
CA PHE A 348 10.77 -32.12 17.06
C PHE A 348 10.66 -33.36 17.96
N ASP A 349 10.73 -34.55 17.39
CA ASP A 349 10.72 -35.79 18.17
C ASP A 349 12.08 -36.48 18.04
N SER A 350 13.10 -35.79 18.54
CA SER A 350 14.48 -36.25 18.44
C SER A 350 15.27 -35.64 19.59
N PRO A 351 16.43 -36.20 19.92
CA PRO A 351 17.20 -35.69 21.08
C PRO A 351 17.65 -34.25 20.92
N TYR A 352 17.74 -33.73 19.70
CA TYR A 352 18.30 -32.41 19.47
C TYR A 352 17.33 -31.28 19.77
N PHE A 353 16.08 -31.60 20.11
CA PHE A 353 15.06 -30.58 20.36
C PHE A 353 14.54 -30.72 21.79
N GLU A 354 14.46 -29.60 22.50
CA GLU A 354 13.93 -29.58 23.86
C GLU A 354 13.05 -28.36 24.07
N VAL A 359 6.26 -28.33 23.21
CA VAL A 359 6.23 -27.23 22.24
C VAL A 359 6.79 -27.71 20.90
N LYS A 360 6.38 -27.04 19.82
CA LYS A 360 6.80 -27.40 18.48
C LYS A 360 6.38 -26.29 17.53
N TRP A 361 7.21 -26.02 16.53
CA TRP A 361 6.99 -24.92 15.61
C TRP A 361 7.22 -25.39 14.18
N VAL A 362 6.86 -24.53 13.24
CA VAL A 362 7.01 -24.81 11.81
C VAL A 362 8.43 -24.44 11.40
N LEU A 363 9.02 -25.28 10.54
CA LEU A 363 10.37 -25.05 10.05
C LEU A 363 10.32 -24.36 8.70
N HIS A 364 10.95 -23.19 8.63
CA HIS A 364 11.07 -22.44 7.39
C HIS A 364 12.49 -22.61 6.82
N PRO A 365 12.66 -22.43 5.51
CA PRO A 365 13.99 -22.65 4.93
C PRO A 365 15.07 -21.74 5.50
N HIS A 366 14.71 -20.62 6.13
CA HIS A 366 15.72 -19.75 6.69
C HIS A 366 16.39 -20.33 7.92
N HIS A 367 15.90 -21.45 8.44
CA HIS A 367 16.51 -22.09 9.60
C HIS A 367 17.72 -22.94 9.25
N ILE A 368 18.03 -23.09 7.96
CA ILE A 368 19.17 -23.90 7.54
C ILE A 368 20.02 -23.13 6.55
N GLY A 369 19.90 -21.80 6.52
CA GLY A 369 20.59 -21.06 5.49
C GLY A 369 20.10 -21.53 4.14
N GLU A 370 18.87 -21.13 3.81
CA GLU A 370 18.00 -21.84 2.87
C GLU A 370 18.76 -22.58 1.76
N SER A 371 19.66 -21.90 1.05
CA SER A 371 20.41 -22.55 -0.02
C SER A 371 21.86 -22.84 0.33
N ASN A 372 22.38 -22.25 1.40
CA ASN A 372 23.79 -22.45 1.77
C ASN A 372 24.04 -23.80 2.42
N ILE A 373 22.99 -24.49 2.88
CA ILE A 373 23.19 -25.79 3.48
C ILE A 373 23.83 -26.75 2.51
N LYS A 374 23.71 -26.51 1.20
CA LYS A 374 24.43 -27.32 0.24
C LYS A 374 25.95 -27.20 0.44
N THR A 375 26.44 -25.97 0.58
CA THR A 375 27.86 -25.79 0.86
C THR A 375 28.22 -26.35 2.23
N LEU A 376 27.34 -26.17 3.22
CA LEU A 376 27.62 -26.73 4.54
C LEU A 376 27.80 -28.24 4.46
N TRP A 377 26.91 -28.92 3.73
CA TRP A 377 27.00 -30.38 3.65
C TRP A 377 28.15 -30.82 2.77
N GLU A 378 28.54 -30.01 1.78
CA GLU A 378 29.77 -30.30 1.06
C GLU A 378 30.95 -30.31 2.02
N ASP A 379 31.07 -29.28 2.85
CA ASP A 379 32.16 -29.22 3.81
C ASP A 379 32.09 -30.39 4.80
N LEU A 380 30.89 -30.67 5.31
CA LEU A 380 30.75 -31.74 6.29
C LEU A 380 31.02 -33.10 5.68
N ASN A 381 30.68 -33.30 4.41
CA ASN A 381 31.02 -34.55 3.75
C ASN A 381 32.52 -34.67 3.51
N ALA A 382 33.19 -33.55 3.23
CA ALA A 382 34.65 -33.59 3.18
C ALA A 382 35.22 -34.03 4.53
N ILE A 383 34.71 -33.45 5.61
CA ILE A 383 35.18 -33.82 6.95
C ILE A 383 34.89 -35.30 7.21
N HIS A 384 33.71 -35.77 6.81
CA HIS A 384 33.33 -37.16 7.03
C HIS A 384 34.23 -38.11 6.25
N SER A 385 34.55 -37.75 5.00
CA SER A 385 35.47 -38.58 4.22
C SER A 385 36.84 -38.64 4.88
N LYS A 386 37.34 -37.50 5.36
CA LYS A 386 38.61 -37.51 6.07
C LYS A 386 38.55 -38.40 7.30
N TYR A 387 37.47 -38.28 8.07
CA TYR A 387 37.32 -39.08 9.28
C TYR A 387 37.26 -40.57 8.97
N GLU A 388 36.52 -40.94 7.91
CA GLU A 388 36.40 -42.35 7.57
C GLU A 388 37.72 -42.92 7.06
N GLU A 389 38.44 -42.17 6.22
CA GLU A 389 39.72 -42.66 5.74
C GLU A 389 40.74 -42.73 6.88
N ASP A 390 40.60 -41.87 7.89
CA ASP A 390 41.47 -41.98 9.06
C ASP A 390 41.08 -43.15 9.95
N ILE A 391 39.80 -43.48 10.01
CA ILE A 391 39.36 -44.61 10.82
C ILE A 391 39.70 -45.94 10.14
N ALA A 392 39.77 -45.95 8.81
CA ALA A 392 40.18 -47.16 8.10
C ALA A 392 41.57 -47.59 8.53
N SER A 393 42.50 -46.65 8.61
CA SER A 393 43.80 -46.89 9.23
C SER A 393 43.69 -46.53 10.71
N LEU A 394 44.82 -46.51 11.40
CA LEU A 394 44.85 -46.21 12.83
C LEU A 394 43.81 -47.07 13.57
N SER A 395 43.82 -48.36 13.25
CA SER A 395 42.82 -49.29 13.76
C SER A 395 43.09 -49.74 15.19
N GLU A 396 43.99 -49.06 15.90
CA GLU A 396 44.22 -49.34 17.31
C GLU A 396 43.00 -48.86 18.11
N ASP A 397 43.08 -48.96 19.43
CA ASP A 397 41.97 -48.54 20.29
C ASP A 397 41.97 -47.03 20.47
N LYS A 398 42.04 -46.29 19.36
CA LYS A 398 41.94 -44.84 19.38
C LYS A 398 40.62 -44.36 18.76
N LYS A 399 39.71 -45.28 18.45
CA LYS A 399 38.44 -44.89 17.84
C LYS A 399 37.64 -43.99 18.77
N GLU A 400 37.61 -44.32 20.06
CA GLU A 400 36.84 -43.52 21.02
C GLU A 400 37.32 -42.08 21.06
N LYS A 401 38.57 -41.81 20.66
CA LYS A 401 39.10 -40.46 20.61
C LYS A 401 38.95 -39.82 19.24
N ARG A 402 39.17 -40.59 18.17
CA ARG A 402 39.00 -40.02 16.83
C ARG A 402 37.56 -39.65 16.57
N ILE A 403 36.61 -40.47 17.01
CA ILE A 403 35.20 -40.11 16.83
C ILE A 403 34.86 -38.86 17.63
N LYS A 404 35.44 -38.71 18.82
CA LYS A 404 35.20 -37.49 19.60
C LYS A 404 35.76 -36.27 18.89
N VAL A 405 36.95 -36.41 18.30
CA VAL A 405 37.54 -35.30 17.55
C VAL A 405 36.66 -34.96 16.35
N TYR A 406 36.16 -35.98 15.66
CA TYR A 406 35.28 -35.74 14.51
C TYR A 406 33.99 -35.06 14.93
N GLN A 407 33.42 -35.48 16.06
CA GLN A 407 32.21 -34.84 16.57
C GLN A 407 32.48 -33.37 16.89
N GLY A 408 33.59 -33.08 17.57
CA GLY A 408 33.93 -31.70 17.85
C GLY A 408 34.12 -30.90 16.58
N ASP A 409 34.76 -31.48 15.57
CA ASP A 409 35.01 -30.77 14.33
C ASP A 409 33.71 -30.48 13.59
N VAL A 410 32.79 -31.44 13.55
CA VAL A 410 31.52 -31.20 12.85
C VAL A 410 30.69 -30.17 13.60
N CYS A 411 30.71 -30.23 14.94
CA CYS A 411 30.01 -29.20 15.72
C CYS A 411 30.60 -27.82 15.44
N GLN A 412 31.92 -27.72 15.40
CA GLN A 412 32.56 -26.44 15.12
C GLN A 412 32.20 -25.96 13.72
N THR A 413 32.17 -26.86 12.75
CA THR A 413 31.82 -26.47 11.39
C THR A 413 30.39 -25.96 11.31
N ILE A 414 29.46 -26.65 11.98
CA ILE A 414 28.07 -26.21 11.97
C ILE A 414 27.94 -24.85 12.65
N ASN A 415 28.64 -24.66 13.78
CA ASN A 415 28.60 -23.37 14.45
C ASN A 415 29.15 -22.26 13.56
N THR A 416 30.26 -22.53 12.87
CA THR A 416 30.85 -21.53 11.99
C THR A 416 29.89 -21.21 10.84
N TYR A 417 29.23 -22.22 10.29
CA TYR A 417 28.27 -21.98 9.22
C TYR A 417 27.12 -21.12 9.72
N CYS A 418 26.60 -21.42 10.91
CA CYS A 418 25.50 -20.63 11.44
C CYS A 418 25.94 -19.19 11.68
N GLU A 419 27.14 -18.98 12.21
CA GLU A 419 27.65 -17.63 12.40
C GLU A 419 27.81 -16.92 11.06
N GLU A 420 28.31 -17.63 10.04
CA GLU A 420 28.57 -17.01 8.75
C GLU A 420 27.27 -16.58 8.07
N VAL A 421 26.29 -17.49 8.01
CA VAL A 421 25.01 -17.14 7.40
C VAL A 421 24.20 -16.23 8.29
N GLY A 422 24.62 -16.05 9.55
CA GLY A 422 23.89 -15.21 10.47
C GLY A 422 24.23 -13.74 10.35
N LYS A 423 24.98 -13.38 9.31
CA LYS A 423 25.33 -11.99 9.05
C LYS A 423 24.40 -11.31 8.06
N GLU A 424 23.94 -12.04 7.04
CA GLU A 424 23.03 -11.50 6.05
C GLU A 424 21.59 -11.93 6.25
N ALA A 425 21.34 -12.93 7.09
CA ALA A 425 20.00 -13.43 7.34
C ALA A 425 19.96 -13.93 8.79
N LYS A 426 18.86 -14.58 9.15
CA LYS A 426 18.74 -15.13 10.49
C LYS A 426 19.71 -16.29 10.67
N THR A 427 20.22 -16.43 11.89
CA THR A 427 21.14 -17.50 12.20
C THR A 427 20.41 -18.84 12.09
N PRO A 428 20.88 -19.77 11.25
CA PRO A 428 20.23 -21.08 11.19
C PRO A 428 20.30 -21.79 12.53
N LEU A 429 19.29 -22.58 12.82
CA LEU A 429 19.26 -23.34 14.06
C LEU A 429 20.41 -24.34 14.08
N VAL A 430 21.27 -24.25 15.09
CA VAL A 430 22.36 -25.21 15.23
C VAL A 430 21.79 -26.61 15.41
N GLN A 431 20.79 -26.75 16.28
CA GLN A 431 20.26 -28.07 16.58
C GLN A 431 19.61 -28.71 15.35
N LEU A 432 18.91 -27.90 14.55
CA LEU A 432 18.28 -28.46 13.36
C LEU A 432 19.32 -28.97 12.38
N LEU A 433 20.41 -28.23 12.19
CA LEU A 433 21.44 -28.68 11.28
C LEU A 433 22.16 -29.91 11.82
N ARG A 434 22.36 -29.97 13.13
CA ARG A 434 22.94 -31.16 13.73
C ARG A 434 22.05 -32.37 13.49
N TYR A 435 20.75 -32.21 13.70
CA TYR A 435 19.82 -33.30 13.45
C TYR A 435 19.83 -33.72 11.99
N LEU A 436 19.84 -32.75 11.08
CA LEU A 436 19.83 -33.07 9.66
C LEU A 436 21.10 -33.83 9.27
N TYR A 437 22.25 -33.41 9.80
CA TYR A 437 23.48 -34.13 9.49
C TYR A 437 23.48 -35.52 10.09
N SER A 438 22.92 -35.67 11.30
CA SER A 438 22.79 -37.01 11.87
C SER A 438 21.96 -37.90 10.94
N ARG A 439 20.93 -37.35 10.33
CA ARG A 439 20.15 -38.06 9.31
C ARG A 439 20.69 -37.77 7.91
N LYS A 440 22.00 -37.95 7.72
CA LYS A 440 22.61 -37.68 6.42
C LYS A 440 22.35 -38.79 5.42
N ASP A 441 21.99 -39.99 5.89
CA ASP A 441 21.71 -41.11 5.00
C ASP A 441 20.22 -41.29 4.75
N ASP A 442 19.36 -40.75 5.61
CA ASP A 442 17.92 -40.86 5.41
C ASP A 442 17.38 -39.79 4.47
N ILE A 443 18.16 -38.76 4.15
CA ILE A 443 17.69 -37.69 3.28
C ILE A 443 18.92 -37.01 2.68
N ALA A 444 18.80 -36.63 1.42
CA ALA A 444 19.86 -35.91 0.72
C ALA A 444 19.82 -34.45 1.13
N VAL A 445 20.58 -33.61 0.42
CA VAL A 445 20.61 -32.18 0.72
C VAL A 445 19.50 -31.44 0.01
N ASP A 446 19.44 -31.57 -1.32
CA ASP A 446 18.31 -30.99 -2.05
C ASP A 446 17.00 -31.51 -1.51
N LYS A 447 16.97 -32.76 -1.04
CA LYS A 447 15.75 -33.28 -0.44
C LYS A 447 15.47 -32.62 0.90
N ILE A 448 16.51 -32.31 1.68
CA ILE A 448 16.30 -31.54 2.92
C ILE A 448 15.67 -30.20 2.58
N ILE A 449 16.21 -29.51 1.58
CA ILE A 449 15.69 -28.20 1.22
C ILE A 449 14.25 -28.31 0.75
N ASP A 450 13.96 -29.31 -0.08
CA ASP A 450 12.60 -29.48 -0.59
C ASP A 450 11.62 -29.79 0.53
N GLY A 451 12.01 -30.67 1.45
CA GLY A 451 11.13 -30.99 2.56
C GLY A 451 10.86 -29.80 3.46
N ILE A 452 11.90 -29.03 3.78
CA ILE A 452 11.69 -27.89 4.68
C ILE A 452 10.90 -26.80 3.99
N THR A 453 11.16 -26.53 2.70
CA THR A 453 10.35 -25.54 2.00
C THR A 453 8.92 -26.03 1.82
N PHE A 454 8.70 -27.35 1.76
CA PHE A 454 7.34 -27.86 1.78
C PHE A 454 6.67 -27.57 3.11
N LEU A 455 7.37 -27.86 4.21
CA LEU A 455 6.84 -27.53 5.53
C LEU A 455 6.52 -26.04 5.63
N SER A 456 7.29 -25.19 4.95
CA SER A 456 7.05 -23.77 5.02
C SER A 456 5.86 -23.35 4.18
N LYS A 457 5.85 -23.75 2.90
CA LYS A 457 4.79 -23.31 1.99
C LYS A 457 3.44 -23.89 2.39
N LYS A 458 3.39 -25.17 2.77
CA LYS A 458 2.13 -25.75 3.21
C LYS A 458 1.59 -25.01 4.43
N HIS A 459 2.45 -24.73 5.41
CA HIS A 459 2.01 -24.01 6.60
C HIS A 459 1.51 -22.63 6.24
N LYS A 460 2.22 -21.91 5.36
CA LYS A 460 1.76 -20.58 4.96
C LYS A 460 0.40 -20.66 4.29
N VAL A 461 0.25 -21.57 3.33
CA VAL A 461 -1.00 -21.67 2.58
C VAL A 461 -2.14 -22.11 3.50
N GLU A 462 -1.83 -22.82 4.57
CA GLU A 462 -2.86 -23.31 5.47
C GLU A 462 -3.24 -22.32 6.57
N LYS A 463 -2.51 -21.22 6.71
CA LYS A 463 -2.80 -20.21 7.73
C LYS A 463 -3.41 -18.95 7.14
N GLN A 464 -3.79 -18.96 5.86
CA GLN A 464 -4.35 -17.78 5.22
C GLN A 464 -5.81 -17.63 5.64
N LYS A 465 -6.09 -16.65 6.48
CA LYS A 465 -7.44 -16.44 6.96
C LYS A 465 -8.36 -16.03 5.83
N ILE A 466 -9.64 -16.34 5.99
CA ILE A 466 -10.67 -15.96 5.03
C ILE A 466 -11.32 -14.68 5.53
N ASN A 467 -11.70 -13.83 4.60
CA ASN A 467 -12.21 -12.52 4.95
C ASN A 467 -13.61 -12.63 5.55
N PRO A 468 -13.83 -12.09 6.74
CA PRO A 468 -15.18 -12.11 7.30
C PRO A 468 -16.05 -11.02 6.69
N VAL A 469 -17.36 -11.19 6.84
CA VAL A 469 -18.34 -10.24 6.34
C VAL A 469 -18.72 -9.34 7.52
N ILE A 470 -17.99 -8.25 7.68
CA ILE A 470 -18.20 -7.31 8.79
C ILE A 470 -19.01 -6.14 8.27
N GLN A 471 -19.86 -5.58 9.14
CA GLN A 471 -20.73 -4.50 8.72
C GLN A 471 -19.96 -3.20 8.60
N LYS A 472 -20.22 -2.48 7.51
CA LYS A 472 -19.59 -1.18 7.29
C LYS A 472 -20.21 -0.13 8.19
N TYR A 473 -19.38 0.77 8.71
CA TYR A 473 -19.88 1.96 9.37
C TYR A 473 -20.25 2.98 8.29
N PRO A 474 -21.49 3.43 8.21
CA PRO A 474 -21.97 4.08 6.98
C PRO A 474 -21.38 5.47 6.77
N SER A 475 -21.44 5.98 5.51
CA SER A 475 -20.97 7.29 5.02
C SER A 475 -22.14 8.18 4.58
N PHE A 476 -23.19 7.66 3.90
CA PHE A 476 -24.38 8.42 3.52
C PHE A 476 -24.02 9.65 2.68
N ASN A 477 -23.57 9.36 1.44
CA ASN A 477 -23.11 10.33 0.43
C ASN A 477 -24.27 11.19 -0.07
N PHE A 478 -24.27 12.50 0.18
CA PHE A 478 -25.29 13.40 -0.35
C PHE A 478 -24.77 14.02 -1.64
N GLY A 479 -25.54 13.89 -2.72
CA GLY A 479 -25.17 14.46 -3.99
C GLY A 479 -26.35 15.11 -4.66
N ASN A 480 -26.26 15.22 -5.99
CA ASN A 480 -27.32 15.88 -6.74
C ASN A 480 -28.06 14.92 -7.65
N ASN A 481 -27.36 13.92 -8.20
CA ASN A 481 -27.92 13.14 -9.29
C ASN A 481 -28.62 11.86 -8.82
N SER A 482 -27.88 10.96 -8.16
CA SER A 482 -28.42 9.66 -7.79
C SER A 482 -28.31 9.34 -6.31
N LYS A 483 -27.96 10.31 -5.47
CA LYS A 483 -27.76 10.09 -4.05
C LYS A 483 -28.77 10.90 -3.27
N LEU A 484 -28.67 10.86 -1.94
CA LEU A 484 -29.50 11.72 -1.11
C LEU A 484 -29.31 13.17 -1.54
N LEU A 485 -30.41 13.83 -1.89
CA LEU A 485 -30.31 15.13 -2.53
C LEU A 485 -29.57 16.11 -1.62
N GLY A 486 -28.69 16.90 -2.23
CA GLY A 486 -27.92 17.88 -1.52
C GLY A 486 -26.89 18.54 -2.41
N LYS A 487 -26.29 19.64 -1.96
CA LYS A 487 -25.34 20.35 -2.79
C LYS A 487 -24.68 21.44 -1.98
N ILE A 488 -23.37 21.64 -2.22
CA ILE A 488 -22.78 22.93 -1.87
C ILE A 488 -23.54 23.99 -2.64
N ILE A 489 -23.73 25.15 -2.03
CA ILE A 489 -24.70 26.08 -2.59
C ILE A 489 -24.22 26.56 -3.95
N SER A 490 -23.18 27.38 -3.96
CA SER A 490 -22.44 27.73 -5.17
C SER A 490 -21.43 28.81 -4.81
N PRO A 491 -20.48 29.13 -5.69
CA PRO A 491 -19.77 30.40 -5.56
C PRO A 491 -20.58 31.54 -6.15
N LYS A 492 -21.51 31.20 -7.04
CA LYS A 492 -22.39 32.20 -7.64
C LYS A 492 -23.59 32.49 -6.75
N ASP A 493 -24.37 31.45 -6.41
CA ASP A 493 -25.48 31.63 -5.48
C ASP A 493 -25.02 32.14 -4.13
N LYS A 494 -23.77 31.87 -3.75
CA LYS A 494 -23.24 32.46 -2.52
C LYS A 494 -23.23 33.98 -2.61
N LEU A 495 -22.80 34.52 -3.76
CA LEU A 495 -22.85 35.97 -3.94
C LEU A 495 -24.28 36.47 -3.90
N LYS A 496 -25.20 35.78 -4.56
CA LYS A 496 -26.59 36.19 -4.55
C LYS A 496 -27.11 36.29 -3.12
N HIS A 497 -26.85 35.26 -2.31
CA HIS A 497 -27.34 35.27 -0.94
C HIS A 497 -26.66 36.35 -0.11
N ASN A 498 -25.34 36.44 -0.19
CA ASN A 498 -24.59 37.39 0.63
C ASN A 498 -24.78 38.83 0.22
N LEU A 499 -25.34 39.08 -0.97
CA LEU A 499 -25.69 40.43 -1.39
C LEU A 499 -27.16 40.75 -1.13
N LYS A 500 -28.05 39.79 -1.35
CA LYS A 500 -29.45 39.99 -0.98
C LYS A 500 -29.57 40.38 0.48
N CYS A 501 -28.92 39.63 1.36
CA CYS A 501 -28.75 40.01 2.75
C CYS A 501 -27.39 40.69 2.91
N ASN A 502 -27.39 41.90 3.46
CA ASN A 502 -26.17 42.70 3.51
C ASN A 502 -25.04 41.90 4.16
N ARG A 503 -23.99 41.62 3.39
CA ARG A 503 -22.85 40.87 3.89
C ARG A 503 -21.66 41.14 2.98
N ASN A 504 -20.48 40.78 3.48
CA ASN A 504 -19.24 41.07 2.77
C ASN A 504 -19.13 40.35 1.43
N GLN A 505 -19.93 39.31 1.19
CA GLN A 505 -19.91 38.53 -0.04
C GLN A 505 -18.64 37.72 -0.21
N VAL A 506 -17.75 37.72 0.78
CA VAL A 506 -16.48 37.02 0.73
C VAL A 506 -16.26 36.23 2.02
N ASP A 507 -17.29 35.50 2.44
CA ASP A 507 -17.19 34.72 3.67
C ASP A 507 -16.21 33.56 3.49
N ASN A 508 -15.71 33.06 4.62
CA ASN A 508 -14.74 31.97 4.64
C ASN A 508 -15.38 30.63 4.97
N TYR A 509 -16.66 30.45 4.66
CA TYR A 509 -17.38 29.23 4.98
C TYR A 509 -18.11 28.73 3.75
N ILE A 510 -18.27 27.41 3.69
CA ILE A 510 -18.91 26.73 2.57
C ILE A 510 -20.23 26.17 3.08
N TRP A 511 -21.32 26.51 2.39
CA TRP A 511 -22.66 26.14 2.80
C TRP A 511 -23.18 25.02 1.90
N ILE A 512 -23.76 23.99 2.52
CA ILE A 512 -24.35 22.86 1.82
C ILE A 512 -25.83 22.81 2.14
N GLU A 513 -26.65 22.65 1.10
CA GLU A 513 -28.09 22.48 1.26
C GLU A 513 -28.40 20.99 1.22
N ILE A 514 -28.72 20.42 2.38
CA ILE A 514 -28.96 18.99 2.51
C ILE A 514 -30.45 18.78 2.73
N LYS A 515 -31.04 17.79 2.04
CA LYS A 515 -32.43 17.31 2.18
C LYS A 515 -32.47 16.37 3.38
N VAL A 516 -32.84 16.88 4.56
CA VAL A 516 -32.84 16.07 5.78
C VAL A 516 -34.25 15.56 6.01
N LEU A 517 -34.36 14.30 6.43
CA LEU A 517 -35.65 13.71 6.76
C LEU A 517 -35.98 14.05 8.21
N ASN A 518 -36.96 14.91 8.42
CA ASN A 518 -37.40 15.24 9.77
C ASN A 518 -38.10 14.02 10.37
N THR A 519 -37.42 13.31 11.26
CA THR A 519 -37.96 12.07 11.78
C THR A 519 -39.23 12.28 12.59
N LYS A 520 -39.40 13.45 13.21
CA LYS A 520 -40.63 13.74 13.92
C LYS A 520 -41.82 13.65 12.97
N THR A 521 -41.84 14.52 11.96
CA THR A 521 -42.82 14.46 10.89
C THR A 521 -42.12 13.92 9.66
N MET A 522 -42.45 12.69 9.27
CA MET A 522 -41.64 11.95 8.30
C MET A 522 -41.83 12.59 6.93
N ARG A 523 -41.16 13.72 6.73
CA ARG A 523 -41.18 14.43 5.47
C ARG A 523 -39.83 15.11 5.27
N TRP A 524 -39.53 15.43 4.02
CA TRP A 524 -38.25 16.00 3.65
C TRP A 524 -38.28 17.52 3.80
N GLU A 525 -37.14 18.10 4.14
CA GLU A 525 -37.01 19.55 4.26
C GLU A 525 -35.55 19.93 4.13
N LYS A 526 -35.22 20.69 3.09
CA LYS A 526 -33.84 21.06 2.82
C LYS A 526 -33.38 22.09 3.85
N HIS A 527 -32.26 21.80 4.50
CA HIS A 527 -31.64 22.71 5.45
C HIS A 527 -30.24 23.07 4.98
N HIS A 528 -29.58 23.94 5.74
CA HIS A 528 -28.27 24.44 5.39
C HIS A 528 -27.31 24.26 6.55
N TYR A 529 -26.09 23.84 6.24
CA TYR A 529 -25.04 23.67 7.23
C TYR A 529 -23.75 24.24 6.67
N ALA A 530 -22.91 24.75 7.57
CA ALA A 530 -21.71 25.49 7.20
C ALA A 530 -20.48 24.61 7.36
N LEU A 531 -19.73 24.48 6.28
CA LEU A 531 -18.40 23.86 6.30
C LEU A 531 -17.34 24.97 6.33
N SER A 532 -16.17 24.64 6.86
CA SER A 532 -15.13 25.65 7.07
C SER A 532 -13.76 25.09 6.66
N SER A 533 -13.70 24.42 5.52
CA SER A 533 -12.44 23.91 5.00
C SER A 533 -11.77 24.99 4.17
N THR A 534 -10.59 25.42 4.59
CA THR A 534 -9.91 26.51 3.87
C THR A 534 -9.32 26.04 2.55
N ARG A 535 -8.92 24.77 2.45
CA ARG A 535 -8.38 24.27 1.19
C ARG A 535 -9.43 24.32 0.09
N PHE A 536 -10.68 23.97 0.42
CA PHE A 536 -11.73 24.04 -0.58
C PHE A 536 -11.86 25.45 -1.13
N LEU A 537 -11.87 26.44 -0.25
CA LEU A 537 -11.85 27.84 -0.70
C LEU A 537 -10.66 28.09 -1.61
N GLU A 538 -9.45 27.88 -1.09
CA GLU A 538 -8.26 28.24 -1.84
C GLU A 538 -8.21 27.58 -3.21
N GLU A 539 -8.79 26.39 -3.34
CA GLU A 539 -8.54 25.58 -4.52
C GLU A 539 -9.68 25.53 -5.52
N VAL A 540 -10.93 25.36 -5.11
CA VAL A 540 -11.99 25.16 -6.09
C VAL A 540 -13.21 26.03 -5.83
N TYR A 541 -13.33 26.61 -4.64
CA TYR A 541 -14.56 27.27 -4.25
C TYR A 541 -14.50 28.79 -4.36
N TYR A 542 -13.52 29.42 -3.75
CA TYR A 542 -13.52 30.87 -3.62
C TYR A 542 -13.82 31.51 -4.98
N PRO A 543 -14.58 32.61 -5.02
CA PRO A 543 -15.03 33.13 -6.31
C PRO A 543 -14.02 34.06 -6.95
N ALA A 544 -13.88 33.93 -8.26
CA ALA A 544 -13.09 34.86 -9.06
C ALA A 544 -14.00 36.02 -9.45
N THR A 545 -14.17 36.95 -8.51
CA THR A 545 -15.10 38.05 -8.72
C THR A 545 -14.64 38.96 -9.85
N SER A 546 -13.39 39.39 -9.82
CA SER A 546 -12.87 40.31 -10.83
C SER A 546 -12.98 39.70 -12.23
N TYR A 564 -1.56 25.07 -11.86
CA TYR A 564 -1.29 25.41 -10.46
C TYR A 564 -0.66 26.81 -10.37
N GLU A 565 -1.06 27.58 -9.37
CA GLU A 565 -0.68 28.97 -9.19
C GLU A 565 0.21 29.12 -7.96
N GLY A 566 0.53 30.36 -7.63
CA GLY A 566 1.36 30.71 -6.49
C GLY A 566 0.57 31.42 -5.40
N LYS A 567 1.11 32.54 -4.93
CA LYS A 567 0.50 33.30 -3.85
C LYS A 567 0.69 34.80 -4.09
N PRO A 568 -0.22 35.63 -3.57
CA PRO A 568 -0.15 37.07 -3.83
C PRO A 568 0.66 37.86 -2.80
N ALA A 569 0.77 39.17 -3.02
CA ALA A 569 1.37 40.09 -2.06
C ALA A 569 0.27 40.83 -1.32
N LEU A 570 0.25 40.69 0.00
CA LEU A 570 -0.84 41.25 0.81
C LEU A 570 -0.68 42.75 0.98
N SER A 571 -1.77 43.37 1.45
CA SER A 571 -1.77 44.79 1.79
C SER A 571 -1.37 44.96 3.26
N ALA A 572 -1.46 46.21 3.74
CA ALA A 572 -1.06 46.48 5.11
C ALA A 572 -2.10 45.99 6.10
N GLU A 573 -3.39 46.22 5.82
CA GLU A 573 -4.42 45.84 6.78
C GLU A 573 -4.56 44.33 6.91
N GLN A 574 -4.42 43.61 5.80
CA GLN A 574 -4.45 42.15 5.88
C GLN A 574 -3.28 41.62 6.71
N ILE A 575 -2.10 42.21 6.52
CA ILE A 575 -0.95 41.85 7.34
C ILE A 575 -1.24 42.11 8.81
N GLU A 576 -1.83 43.28 9.11
CA GLU A 576 -2.15 43.59 10.50
C GLU A 576 -3.12 42.57 11.08
N GLN A 577 -4.14 42.19 10.31
CA GLN A 577 -5.08 41.18 10.77
C GLN A 577 -4.35 39.87 11.06
N ILE A 578 -3.47 39.44 10.16
CA ILE A 578 -2.72 38.20 10.37
C ILE A 578 -1.94 38.30 11.67
N ARG A 579 -1.22 39.40 11.86
CA ARG A 579 -0.40 39.57 13.07
C ARG A 579 -1.23 39.79 14.32
N SER A 580 -2.51 40.16 14.18
CA SER A 580 -3.37 40.40 15.33
C SER A 580 -4.20 39.19 15.71
N ALA A 581 -4.16 38.12 14.92
CA ALA A 581 -4.92 36.93 15.22
C ALA A 581 -4.27 36.15 16.35
N PRO A 582 -5.05 35.35 17.09
CA PRO A 582 -4.45 34.50 18.12
C PRO A 582 -3.44 33.54 17.52
N VAL A 583 -2.59 32.99 18.40
CA VAL A 583 -1.45 32.19 17.93
C VAL A 583 -1.92 31.00 17.11
N GLY A 584 -2.93 30.28 17.61
CA GLY A 584 -3.37 29.06 16.95
C GLY A 584 -4.17 29.28 15.68
N LEU A 585 -4.58 30.52 15.40
CA LEU A 585 -5.37 30.83 14.22
C LEU A 585 -4.58 31.52 13.13
N ARG A 586 -3.31 31.85 13.38
CA ARG A 586 -2.57 32.72 12.48
C ARG A 586 -2.29 32.04 11.14
N LYS A 587 -2.04 30.74 11.12
CA LYS A 587 -1.75 30.07 9.85
C LYS A 587 -2.96 30.09 8.94
N VAL A 588 -4.13 29.73 9.47
CA VAL A 588 -5.33 29.76 8.63
C VAL A 588 -5.67 31.20 8.27
N LYS A 589 -5.43 32.15 9.16
CA LYS A 589 -5.67 33.55 8.83
C LYS A 589 -4.79 33.99 7.68
N LYS A 590 -3.52 33.59 7.70
CA LYS A 590 -2.61 33.94 6.61
C LYS A 590 -3.07 33.33 5.29
N ARG A 591 -3.48 32.05 5.32
CA ARG A 591 -4.00 31.44 4.11
C ARG A 591 -5.21 32.18 3.60
N GLN A 592 -6.15 32.52 4.49
CA GLN A 592 -7.37 33.21 4.07
C GLN A 592 -7.06 34.59 3.51
N MET A 593 -6.13 35.31 4.13
CA MET A 593 -5.78 36.64 3.65
C MET A 593 -5.06 36.58 2.31
N ARG A 594 -4.22 35.56 2.10
CA ARG A 594 -3.62 35.37 0.79
C ARG A 594 -4.69 35.10 -0.26
N LEU A 595 -5.68 34.27 0.08
CA LEU A 595 -6.77 34.03 -0.85
C LEU A 595 -7.53 35.32 -1.15
N GLU A 596 -7.79 36.12 -0.12
CA GLU A 596 -8.54 37.35 -0.31
C GLU A 596 -7.76 38.33 -1.19
N ALA A 597 -6.46 38.48 -0.93
CA ALA A 597 -5.64 39.34 -1.77
C ALA A 597 -5.63 38.86 -3.21
N ALA A 598 -5.45 37.55 -3.41
CA ALA A 598 -5.49 37.01 -4.77
C ALA A 598 -6.81 37.26 -5.46
N ARG A 599 -7.92 37.34 -4.70
CA ARG A 599 -9.18 37.70 -5.31
C ARG A 599 -9.23 39.19 -5.64
N GLN A 600 -8.73 40.03 -4.75
CA GLN A 600 -8.79 41.47 -4.94
C GLN A 600 -7.83 41.97 -6.03
N GLN A 601 -6.77 41.22 -6.31
CA GLN A 601 -5.78 41.61 -7.32
C GLN A 601 -5.95 40.81 -8.61
N ASN A 602 -7.09 40.15 -8.78
CA ASN A 602 -7.37 39.36 -9.98
C ASN A 602 -6.30 38.30 -10.21
N LEU A 603 -5.65 37.85 -9.13
CA LEU A 603 -4.70 36.77 -9.19
C LEU A 603 -5.33 35.41 -8.92
N LEU A 604 -6.64 35.36 -8.66
CA LEU A 604 -7.34 34.14 -8.32
C LEU A 604 -7.99 33.55 -9.56
N PRO A 605 -7.51 32.43 -10.08
CA PRO A 605 -8.07 31.89 -11.33
C PRO A 605 -9.53 31.49 -11.18
N ARG A 606 -10.25 31.60 -12.29
CA ARG A 606 -11.64 31.14 -12.33
C ARG A 606 -11.69 29.63 -12.13
N TYR A 607 -12.73 29.16 -11.45
CA TYR A 607 -12.78 27.76 -11.01
C TYR A 607 -13.92 26.96 -11.64
N THR A 608 -14.66 27.54 -12.59
CA THR A 608 -15.62 26.79 -13.41
C THR A 608 -16.43 25.79 -12.59
N TRP A 609 -17.29 26.30 -11.71
CA TRP A 609 -17.89 25.50 -10.65
C TRP A 609 -18.35 24.12 -11.11
N GLY A 610 -19.29 24.05 -12.04
CA GLY A 610 -19.71 22.78 -12.62
C GLY A 610 -20.61 21.93 -11.74
N LYS A 611 -20.70 22.21 -10.44
CA LYS A 611 -21.56 21.48 -9.50
C LYS A 611 -21.37 19.97 -9.66
N ASP A 612 -20.15 19.52 -9.35
CA ASP A 612 -19.76 18.12 -9.48
C ASP A 612 -19.05 17.65 -8.22
N PHE A 613 -19.68 17.90 -7.06
CA PHE A 613 -19.10 17.58 -5.76
C PHE A 613 -20.05 16.69 -4.97
N ASN A 614 -19.50 15.63 -4.39
CA ASN A 614 -20.23 14.76 -3.48
C ASN A 614 -20.05 15.24 -2.04
N ILE A 615 -21.00 14.90 -1.18
CA ILE A 615 -21.01 15.32 0.22
C ILE A 615 -21.18 14.07 1.06
N ASN A 616 -20.13 13.68 1.77
CA ASN A 616 -20.11 12.45 2.56
C ASN A 616 -20.15 12.82 4.04
N ILE A 617 -21.25 12.48 4.70
CA ILE A 617 -21.48 12.87 6.10
C ILE A 617 -21.42 11.59 6.93
N CYS A 618 -20.36 11.45 7.73
CA CYS A 618 -20.18 10.33 8.63
C CYS A 618 -20.32 10.84 10.06
N LYS A 619 -21.40 10.45 10.73
CA LYS A 619 -21.66 10.84 12.11
C LYS A 619 -21.05 9.80 13.05
N ARG A 620 -19.92 10.16 13.68
CA ARG A 620 -19.28 9.23 14.62
C ARG A 620 -19.96 9.28 15.98
N GLY A 621 -19.93 10.44 16.63
CA GLY A 621 -20.61 10.64 17.89
C GLY A 621 -21.68 11.70 17.77
N ASN A 622 -21.36 12.91 18.24
CA ASN A 622 -22.21 14.09 18.07
C ASN A 622 -21.53 15.13 17.19
N ASN A 623 -20.61 14.69 16.34
CA ASN A 623 -19.92 15.56 15.40
C ASN A 623 -19.93 14.93 14.02
N PHE A 624 -19.99 15.78 12.99
CA PHE A 624 -20.13 15.33 11.62
C PHE A 624 -18.81 15.51 10.87
N GLU A 625 -18.68 14.78 9.76
CA GLU A 625 -17.41 14.61 9.06
C GLU A 625 -17.59 14.82 7.56
N VAL A 626 -18.23 15.92 7.17
CA VAL A 626 -18.39 16.21 5.74
C VAL A 626 -17.03 16.16 5.06
N THR A 627 -17.01 15.69 3.82
CA THR A 627 -15.75 15.36 3.14
C THR A 627 -15.55 16.06 1.81
N LEU A 628 -16.61 16.27 1.03
CA LEU A 628 -16.52 17.01 -0.24
C LEU A 628 -15.53 16.35 -1.21
N ALA A 629 -15.89 15.15 -1.63
CA ALA A 629 -15.13 14.49 -2.68
C ALA A 629 -15.47 15.11 -4.04
N THR A 630 -14.63 14.83 -5.04
CA THR A 630 -14.77 15.42 -6.36
C THR A 630 -14.14 14.51 -7.39
N LYS A 631 -14.86 14.27 -8.49
CA LYS A 631 -14.32 13.45 -9.57
C LYS A 631 -13.37 14.27 -10.44
N VAL A 632 -12.28 13.63 -10.87
CA VAL A 632 -11.33 14.20 -11.80
C VAL A 632 -11.20 13.23 -12.97
N LYS A 633 -11.27 13.76 -14.20
CA LYS A 633 -11.23 12.95 -15.40
C LYS A 633 -9.98 13.29 -16.21
N LYS A 634 -9.36 12.26 -16.80
CA LYS A 634 -7.99 12.38 -17.27
C LYS A 634 -7.86 12.22 -18.78
N LYS A 635 -8.48 11.20 -19.37
CA LYS A 635 -8.28 10.85 -20.78
C LYS A 635 -6.81 10.51 -21.04
N LYS A 636 -6.39 9.41 -20.41
CA LYS A 636 -5.00 8.99 -20.43
C LYS A 636 -4.43 9.00 -21.84
N GLU A 637 -3.11 9.19 -21.93
CA GLU A 637 -2.39 9.29 -23.19
C GLU A 637 -1.33 8.18 -23.25
N LYS A 638 -1.09 7.69 -24.46
CA LYS A 638 -0.13 6.60 -24.68
C LYS A 638 1.16 7.06 -25.35
N ASN A 639 1.11 8.11 -26.17
CA ASN A 639 2.28 8.58 -26.90
C ASN A 639 3.15 9.40 -25.95
N TYR A 640 3.94 8.71 -25.15
CA TYR A 640 4.80 9.36 -24.18
C TYR A 640 5.94 10.09 -24.88
N LYS A 641 6.52 11.05 -24.16
CA LYS A 641 7.66 11.81 -24.66
C LYS A 641 8.78 11.94 -23.65
N VAL A 642 8.55 11.65 -22.37
CA VAL A 642 9.59 11.66 -21.34
C VAL A 642 9.38 10.45 -20.44
N VAL A 643 10.45 10.04 -19.77
CA VAL A 643 10.39 8.99 -18.77
C VAL A 643 11.10 9.51 -17.52
N LEU A 644 10.38 9.51 -16.41
CA LEU A 644 10.88 10.06 -15.15
C LEU A 644 10.93 8.94 -14.13
N GLY A 645 12.03 8.20 -14.13
CA GLY A 645 12.24 7.21 -13.09
C GLY A 645 12.73 7.85 -11.80
N TYR A 646 12.47 7.15 -10.69
CA TYR A 646 13.03 7.54 -9.41
C TYR A 646 13.38 6.29 -8.62
N ASP A 647 14.40 6.40 -7.77
CA ASP A 647 15.01 5.23 -7.16
C ASP A 647 14.39 4.84 -5.83
N ALA A 648 13.84 5.80 -5.08
CA ALA A 648 13.14 5.52 -3.83
C ALA A 648 14.07 4.80 -2.83
N ASN A 649 15.11 5.52 -2.43
CA ASN A 649 16.03 5.02 -1.43
C ASN A 649 15.46 5.21 -0.03
N ILE A 650 16.12 4.58 0.95
CA ILE A 650 15.77 4.73 2.36
C ILE A 650 16.59 5.83 3.01
N VAL A 651 17.92 5.74 2.92
CA VAL A 651 18.81 6.68 3.58
C VAL A 651 19.51 7.61 2.59
N ARG A 652 19.35 7.42 1.29
CA ARG A 652 20.19 8.06 0.29
C ARG A 652 19.41 8.97 -0.66
N LYS A 653 18.52 9.80 -0.11
CA LYS A 653 18.06 11.00 -0.80
C LYS A 653 17.45 10.66 -2.16
N ASN A 654 16.26 10.06 -2.10
CA ASN A 654 15.55 9.59 -3.28
C ASN A 654 15.76 10.51 -4.46
N THR A 655 16.11 9.93 -5.60
CA THR A 655 16.49 10.68 -6.79
C THR A 655 15.52 10.39 -7.94
N TYR A 656 15.42 11.35 -8.85
CA TYR A 656 14.72 11.18 -10.11
C TYR A 656 15.70 11.28 -11.27
N ALA A 657 15.23 10.89 -12.45
CA ALA A 657 16.08 10.93 -13.65
C ALA A 657 15.18 10.93 -14.87
N ALA A 658 15.24 11.99 -15.65
CA ALA A 658 14.40 12.13 -16.84
C ALA A 658 15.11 11.61 -18.07
N ILE A 659 14.35 10.97 -18.96
CA ILE A 659 14.85 10.42 -20.20
C ILE A 659 13.90 10.82 -21.32
N GLU A 660 14.44 11.28 -22.44
CA GLU A 660 13.61 11.66 -23.56
C GLU A 660 13.25 10.42 -24.38
N ALA A 661 12.24 10.57 -25.24
CA ALA A 661 11.67 9.47 -26.00
C ALA A 661 12.23 9.35 -27.41
N HIS A 662 12.16 10.42 -28.18
CA HIS A 662 12.65 10.44 -29.56
C HIS A 662 13.58 11.64 -29.76
N ALA A 663 14.53 11.79 -28.84
CA ALA A 663 15.41 12.95 -28.87
C ALA A 663 16.12 13.08 -30.21
N ASN A 664 16.46 14.32 -30.56
CA ASN A 664 17.22 14.61 -31.78
C ASN A 664 18.05 15.86 -31.48
N GLY A 665 19.29 15.65 -31.10
CA GLY A 665 20.16 16.75 -30.70
C GLY A 665 21.61 16.32 -30.65
N ASP A 666 22.34 16.86 -29.67
CA ASP A 666 23.77 16.60 -29.59
C ASP A 666 24.05 15.20 -29.03
N GLY A 667 23.49 14.88 -27.88
CA GLY A 667 23.64 13.55 -27.33
C GLY A 667 22.33 12.79 -27.34
N VAL A 668 22.22 11.82 -28.24
CA VAL A 668 21.01 11.00 -28.37
C VAL A 668 21.49 9.55 -28.38
N ILE A 669 21.52 8.93 -27.21
CA ILE A 669 21.99 7.56 -27.11
C ILE A 669 21.04 6.65 -27.85
N ASP A 670 21.57 5.84 -28.76
CA ASP A 670 20.76 4.89 -29.53
C ASP A 670 20.59 3.64 -28.70
N TYR A 671 19.46 3.55 -27.99
CA TYR A 671 19.13 2.34 -27.25
C TYR A 671 18.85 1.23 -28.27
N ASN A 672 18.33 0.09 -27.80
CA ASN A 672 18.15 -1.07 -28.66
C ASN A 672 17.70 -0.67 -30.06
N ASP A 673 16.62 0.11 -30.14
CA ASP A 673 16.21 0.74 -31.39
C ASP A 673 15.61 2.11 -31.17
N LEU A 674 15.69 2.65 -29.96
CA LEU A 674 15.02 3.88 -29.58
C LEU A 674 16.03 4.99 -29.35
N PRO A 675 15.88 6.17 -29.98
CA PRO A 675 16.77 7.30 -29.68
C PRO A 675 16.35 8.01 -28.40
N VAL A 676 17.20 7.95 -27.39
CA VAL A 676 16.91 8.53 -26.08
C VAL A 676 18.04 9.48 -25.70
N LYS A 677 17.70 10.44 -24.84
CA LYS A 677 18.66 11.43 -24.38
C LYS A 677 18.36 11.76 -22.92
N PRO A 678 19.37 11.70 -22.03
CA PRO A 678 19.15 12.17 -20.66
C PRO A 678 18.83 13.65 -20.60
N ILE A 679 17.65 14.01 -20.10
CA ILE A 679 17.33 15.41 -19.87
C ILE A 679 18.09 15.93 -18.66
N GLU A 680 17.92 15.25 -17.52
CA GLU A 680 18.51 15.69 -16.27
C GLU A 680 18.30 14.59 -15.24
N SER A 681 18.84 14.81 -14.06
CA SER A 681 18.63 13.92 -12.93
C SER A 681 19.13 14.63 -11.69
N GLY A 682 18.34 14.54 -10.62
CA GLY A 682 18.69 15.22 -9.39
C GLY A 682 18.19 14.45 -8.19
N PHE A 683 18.10 15.13 -7.06
CA PHE A 683 17.63 14.55 -5.82
C PHE A 683 16.28 15.14 -5.44
N VAL A 684 15.48 14.36 -4.73
CA VAL A 684 14.20 14.83 -4.22
C VAL A 684 14.46 15.44 -2.85
N THR A 685 14.58 16.76 -2.81
CA THR A 685 14.78 17.50 -1.58
C THR A 685 13.62 18.47 -1.42
N VAL A 686 12.94 18.40 -0.27
CA VAL A 686 11.84 19.29 0.05
C VAL A 686 12.37 20.31 1.05
N GLU A 687 12.16 21.60 0.71
CA GLU A 687 12.77 22.79 1.32
C GLU A 687 11.87 23.45 2.36
N SER A 688 12.28 23.51 3.63
CA SER A 688 11.50 24.29 4.59
C SER A 688 12.40 25.45 5.02
N GLN A 689 12.13 26.63 4.49
CA GLN A 689 13.06 27.75 4.60
C GLN A 689 12.85 28.44 5.95
N VAL A 690 13.69 28.06 6.91
CA VAL A 690 13.78 28.73 8.20
C VAL A 690 14.43 30.09 7.94
N ARG A 691 14.50 30.95 8.95
CA ARG A 691 14.74 32.38 8.80
C ARG A 691 15.67 32.73 7.65
N ASP A 692 16.85 32.13 7.58
CA ASP A 692 17.76 32.36 6.47
C ASP A 692 18.32 31.08 5.86
N LYS A 693 18.29 29.97 6.57
CA LYS A 693 18.75 28.70 6.04
C LYS A 693 17.61 28.04 5.27
N SER A 694 17.94 26.93 4.58
CA SER A 694 16.99 26.17 3.72
C SER A 694 17.24 24.67 3.92
N TYR A 695 16.47 24.03 4.80
CA TYR A 695 16.64 22.59 5.14
C TYR A 695 15.92 21.68 4.15
N ASP A 696 16.34 20.42 4.15
CA ASP A 696 15.69 19.33 3.40
C ASP A 696 15.00 18.50 4.49
N GLN A 697 13.69 18.64 4.71
CA GLN A 697 13.00 17.79 5.68
C GLN A 697 13.40 16.34 5.54
N LEU A 698 13.63 15.86 4.31
CA LEU A 698 13.92 14.46 4.08
C LEU A 698 15.34 14.06 4.46
N SER A 699 16.27 15.02 4.63
CA SER A 699 17.63 14.64 4.97
C SER A 699 18.31 15.59 5.96
N TYR A 700 17.57 16.39 6.72
CA TYR A 700 18.23 17.38 7.58
C TYR A 700 19.05 16.71 8.67
N ASN A 701 18.47 15.74 9.37
CA ASN A 701 19.13 14.99 10.42
C ASN A 701 19.48 15.84 11.65
N GLY A 702 19.00 17.08 11.72
CA GLY A 702 19.04 17.82 12.96
C GLY A 702 20.29 18.69 13.12
N VAL A 703 20.27 19.46 14.21
CA VAL A 703 21.35 20.37 14.57
C VAL A 703 22.52 19.53 15.09
N LYS A 704 23.70 20.16 15.23
CA LYS A 704 24.96 19.45 15.34
C LYS A 704 25.45 19.27 16.77
N LEU A 705 24.59 19.47 17.76
CA LEU A 705 24.96 19.29 19.17
C LEU A 705 25.95 20.35 19.64
N LEU A 706 26.42 21.20 18.73
CA LEU A 706 27.25 22.33 19.15
C LEU A 706 26.42 23.42 19.78
N TYR A 707 25.10 23.37 19.63
CA TYR A 707 24.18 24.31 20.24
C TYR A 707 23.21 23.62 21.19
N CYS A 708 23.45 22.34 21.51
CA CYS A 708 22.60 21.57 22.41
C CYS A 708 23.36 21.18 23.66
N LYS A 709 24.42 21.93 23.99
CA LYS A 709 25.27 21.55 25.12
C LYS A 709 24.48 21.42 26.41
N PRO A 710 23.56 22.32 26.76
CA PRO A 710 22.73 22.05 27.95
C PRO A 710 21.93 20.77 27.84
N HIS A 711 21.42 20.47 26.65
CA HIS A 711 20.66 19.24 26.44
C HIS A 711 21.53 18.00 26.69
N VAL A 712 22.69 17.96 26.06
CA VAL A 712 23.60 16.83 26.24
C VAL A 712 24.07 16.75 27.69
N GLU A 713 24.28 17.90 28.33
CA GLU A 713 24.71 17.90 29.72
C GLU A 713 23.64 17.30 30.63
N SER A 714 22.38 17.67 30.40
CA SER A 714 21.30 17.09 31.19
C SER A 714 21.22 15.58 30.97
N ARG A 715 21.35 15.15 29.71
CA ARG A 715 21.27 13.73 29.42
C ARG A 715 22.41 12.97 30.10
N ARG A 716 23.63 13.50 30.02
CA ARG A 716 24.76 12.84 30.68
C ARG A 716 24.56 12.83 32.20
N SER A 717 24.11 13.94 32.77
CA SER A 717 23.90 14.01 34.20
C SER A 717 22.93 12.94 34.66
N PHE A 718 21.82 12.78 33.96
CA PHE A 718 20.88 11.73 34.34
C PHE A 718 21.48 10.35 34.14
N LEU A 719 22.14 10.12 32.99
CA LEU A 719 22.65 8.79 32.71
C LEU A 719 23.75 8.38 33.69
N GLU A 720 24.52 9.35 34.19
CA GLU A 720 25.56 9.01 35.16
C GLU A 720 24.98 8.42 36.43
N LYS A 721 23.77 8.83 36.79
CA LYS A 721 23.15 8.31 38.02
C LYS A 721 22.95 6.80 37.93
N TYR A 722 22.79 6.27 36.72
CA TYR A 722 22.58 4.83 36.50
C TYR A 722 23.74 4.32 35.65
N ASN A 723 24.82 3.91 36.31
CA ASN A 723 26.01 3.42 35.62
C ASN A 723 26.45 4.38 34.51
N MET A 739 30.24 5.22 31.37
CA MET A 739 29.54 6.00 30.37
C MET A 739 30.39 6.16 29.11
N LYS A 740 31.32 5.23 28.91
CA LYS A 740 32.19 5.28 27.75
C LYS A 740 31.43 5.15 26.44
N ASP A 741 30.19 4.66 26.47
CA ASP A 741 29.34 4.61 25.29
C ASP A 741 28.59 5.91 25.06
N PHE A 742 28.23 6.63 26.12
CA PHE A 742 27.59 7.93 25.95
C PHE A 742 28.52 8.91 25.24
N GLU A 743 29.79 8.93 25.63
CA GLU A 743 30.72 9.88 25.04
C GLU A 743 30.89 9.66 23.54
N ALA A 744 30.60 8.46 23.05
CA ALA A 744 30.68 8.19 21.63
C ALA A 744 29.50 8.76 20.85
N ILE A 745 28.43 9.18 21.54
CA ILE A 745 27.26 9.74 20.87
C ILE A 745 27.13 11.24 21.08
N ALA A 746 27.93 11.84 21.96
CA ALA A 746 27.74 13.23 22.38
C ALA A 746 28.80 14.16 21.80
N ASP A 747 29.50 13.75 20.76
CA ASP A 747 30.46 14.64 20.12
C ASP A 747 29.75 15.91 19.66
N ASP A 748 30.52 16.99 19.57
CA ASP A 748 29.96 18.29 19.18
C ASP A 748 29.68 18.38 17.69
N GLU A 749 30.09 17.38 16.89
CA GLU A 749 29.70 17.29 15.50
C GLU A 749 28.56 16.31 15.28
N THR A 750 28.31 15.42 16.22
CA THR A 750 27.15 14.52 16.12
C THR A 750 25.87 15.32 16.02
N SER A 751 25.00 14.91 15.12
CA SER A 751 23.74 15.62 14.92
C SER A 751 22.76 15.31 16.04
N LEU A 752 21.81 16.22 16.24
CA LEU A 752 20.90 16.11 17.38
C LEU A 752 20.03 14.87 17.30
N TYR A 753 19.46 14.49 16.15
CA TYR A 753 18.52 13.31 16.11
C TYR A 753 19.29 12.00 16.03
N TYR A 754 20.57 11.99 15.65
CA TYR A 754 21.38 10.81 15.93
C TYR A 754 21.61 10.68 17.42
N PHE A 755 21.92 11.78 18.09
CA PHE A 755 22.12 11.74 19.53
C PHE A 755 20.87 11.28 20.25
N ASN A 756 19.71 11.80 19.85
CA ASN A 756 18.47 11.42 20.51
C ASN A 756 18.16 9.94 20.29
N MET A 757 18.36 9.43 19.08
CA MET A 757 18.10 8.02 18.81
C MET A 757 19.03 7.13 19.63
N LYS A 758 20.34 7.43 19.60
CA LYS A 758 21.29 6.61 20.35
C LYS A 758 21.04 6.71 21.85
N TYR A 759 20.62 7.89 22.34
CA TYR A 759 20.35 8.02 23.76
C TYR A 759 19.05 7.33 24.15
N CYS A 760 18.07 7.28 23.25
CA CYS A 760 16.89 6.47 23.50
C CYS A 760 17.26 5.00 23.64
N LYS A 761 18.15 4.51 22.77
CA LYS A 761 18.62 3.14 22.91
C LYS A 761 19.40 2.96 24.22
N LEU A 762 20.20 3.95 24.60
CA LEU A 762 20.93 3.88 25.86
C LEU A 762 19.97 3.80 27.04
N LEU A 763 18.93 4.62 27.04
CA LEU A 763 17.93 4.54 28.10
C LEU A 763 17.22 3.19 28.10
N GLN A 764 16.95 2.66 26.90
CA GLN A 764 16.35 1.34 26.81
C GLN A 764 17.22 0.30 27.52
N SER A 765 18.51 0.28 27.19
CA SER A 765 19.41 -0.67 27.82
C SER A 765 19.50 -0.43 29.33
N SER A 766 19.60 0.83 29.74
CA SER A 766 19.70 1.14 31.16
C SER A 766 18.48 0.63 31.92
N ILE A 767 17.28 0.90 31.39
CA ILE A 767 16.06 0.39 32.03
C ILE A 767 16.10 -1.13 32.09
N ARG A 768 16.60 -1.77 31.02
CA ARG A 768 16.71 -3.22 31.04
C ARG A 768 17.59 -3.69 32.19
N ASN A 769 18.74 -3.05 32.38
CA ASN A 769 19.64 -3.44 33.47
C ASN A 769 19.02 -3.16 34.82
N HIS A 770 18.44 -1.97 34.99
CA HIS A 770 17.84 -1.57 36.26
C HIS A 770 16.32 -1.82 36.20
N SER A 771 15.98 -3.10 36.10
CA SER A 771 14.59 -3.48 35.86
C SER A 771 13.69 -3.08 37.02
N SER A 772 14.14 -3.29 38.25
CA SER A 772 13.30 -3.08 39.42
C SER A 772 13.14 -1.61 39.81
N GLN A 773 13.67 -0.69 39.01
CA GLN A 773 13.52 0.73 39.30
C GLN A 773 13.22 1.52 38.03
N ALA A 774 12.48 0.92 37.09
CA ALA A 774 12.16 1.61 35.85
C ALA A 774 11.23 2.80 36.07
N LYS A 775 10.61 2.90 37.26
CA LYS A 775 9.78 4.06 37.54
C LYS A 775 10.60 5.33 37.71
N GLU A 776 11.90 5.20 38.00
CA GLU A 776 12.74 6.38 38.18
C GLU A 776 13.12 7.03 36.86
N TYR A 777 12.95 6.28 35.75
CA TYR A 777 13.33 6.66 34.37
C TYR A 777 12.33 7.62 33.76
N ARG A 778 11.15 7.77 34.34
CA ARG A 778 10.06 8.46 33.65
C ARG A 778 10.35 9.95 33.47
N GLU A 779 10.96 10.60 34.47
CA GLU A 779 11.27 12.01 34.34
C GLU A 779 12.19 12.25 33.14
N GLU A 780 13.26 11.46 33.03
CA GLU A 780 14.17 11.61 31.91
C GLU A 780 13.49 11.28 30.59
N ILE A 781 12.66 10.23 30.58
CA ILE A 781 11.99 9.85 29.34
C ILE A 781 11.12 10.98 28.85
N PHE A 782 10.36 11.61 29.75
CA PHE A 782 9.57 12.77 29.37
C PHE A 782 10.46 13.90 28.87
N GLU A 783 11.46 14.27 29.66
CA GLU A 783 12.30 15.41 29.30
C GLU A 783 12.98 15.18 27.95
N LEU A 784 13.16 13.94 27.55
CA LEU A 784 13.82 13.62 26.30
C LEU A 784 12.85 13.54 25.13
N LEU A 785 11.66 13.02 25.34
CA LEU A 785 10.75 12.73 24.24
C LEU A 785 9.71 13.84 24.01
N ARG A 786 9.24 14.49 25.07
CA ARG A 786 8.08 15.37 24.98
C ARG A 786 8.39 16.81 25.37
N ASP A 787 8.85 17.06 26.61
CA ASP A 787 8.90 18.39 27.30
C ASP A 787 10.00 19.38 26.87
N GLY A 788 11.27 18.99 26.90
CA GLY A 788 12.44 19.84 26.59
C GLY A 788 12.43 20.44 25.17
N LYS A 789 13.19 21.53 24.98
CA LYS A 789 13.25 22.28 23.70
C LYS A 789 13.74 21.36 22.58
N LEU A 790 14.72 20.49 22.86
CA LEU A 790 15.29 19.52 21.89
C LEU A 790 14.74 18.12 22.22
N SER A 791 13.52 17.81 21.76
CA SER A 791 12.89 16.53 22.05
C SER A 791 12.47 15.84 20.75
N VAL A 792 12.14 14.56 20.88
CA VAL A 792 11.67 13.80 19.72
C VAL A 792 10.37 14.40 19.19
N LEU A 793 9.54 14.92 20.09
CA LEU A 793 8.26 15.51 19.70
C LEU A 793 8.38 17.00 19.38
N LYS A 794 9.30 17.70 20.03
CA LYS A 794 9.47 19.12 19.76
C LYS A 794 10.24 19.36 18.46
N LEU A 795 11.09 18.43 18.07
CA LEU A 795 12.09 18.68 17.03
C LEU A 795 12.46 17.37 16.38
N SER A 796 12.05 17.18 15.12
CA SER A 796 12.37 15.96 14.38
C SER A 796 12.00 16.17 12.92
N SER A 797 12.85 15.68 12.03
CA SER A 797 12.68 15.87 10.60
C SER A 797 11.96 14.69 9.97
N LEU A 798 11.92 14.67 8.63
CA LEU A 798 11.39 13.55 7.87
C LEU A 798 12.47 12.57 7.45
N SER A 799 13.72 12.79 7.84
CA SER A 799 14.79 11.91 7.45
C SER A 799 14.62 10.53 8.07
N ASN A 800 15.24 9.53 7.45
CA ASN A 800 15.10 8.17 7.93
C ASN A 800 15.59 8.05 9.37
N LEU A 801 16.67 8.76 9.71
CA LEU A 801 17.14 8.78 11.09
C LEU A 801 16.08 9.35 12.02
N SER A 802 15.34 10.36 11.57
CA SER A 802 14.30 10.94 12.40
C SER A 802 13.09 10.03 12.54
N PHE A 803 13.00 8.96 11.75
CA PHE A 803 11.98 7.93 11.96
C PHE A 803 12.49 6.80 12.82
N VAL A 804 13.77 6.43 12.66
CA VAL A 804 14.37 5.50 13.61
C VAL A 804 14.33 6.10 15.01
N MET A 805 14.40 7.42 15.11
CA MET A 805 14.30 8.06 16.43
C MET A 805 12.94 7.80 17.06
N PHE A 806 11.86 7.93 16.28
CA PHE A 806 10.54 7.65 16.82
C PHE A 806 10.36 6.16 17.11
N LYS A 807 10.95 5.30 16.28
CA LYS A 807 10.88 3.87 16.54
C LYS A 807 11.54 3.53 17.87
N VAL A 808 12.73 4.09 18.12
CA VAL A 808 13.42 3.82 19.38
C VAL A 808 12.70 4.49 20.54
N ALA A 809 12.05 5.63 20.32
CA ALA A 809 11.28 6.25 21.39
C ALA A 809 10.11 5.38 21.80
N LYS A 810 9.37 4.87 20.82
CA LYS A 810 8.28 3.95 21.13
C LYS A 810 8.79 2.70 21.83
N SER A 811 9.94 2.17 21.37
CA SER A 811 10.52 1.02 22.03
C SER A 811 10.93 1.35 23.46
N LEU A 812 11.45 2.56 23.68
CA LEU A 812 11.84 2.97 25.02
C LEU A 812 10.64 3.03 25.95
N ILE A 813 9.54 3.61 25.49
CA ILE A 813 8.32 3.61 26.29
C ILE A 813 7.84 2.19 26.53
N GLY A 814 7.94 1.34 25.51
CA GLY A 814 7.52 -0.04 25.68
C GLY A 814 8.31 -0.77 26.76
N THR A 815 9.63 -0.60 26.75
CA THR A 815 10.45 -1.25 27.78
C THR A 815 10.19 -0.65 29.15
N TYR A 816 10.01 0.68 29.22
CA TYR A 816 9.67 1.31 30.48
C TYR A 816 8.41 0.70 31.06
N PHE A 817 7.38 0.50 30.23
CA PHE A 817 6.15 -0.10 30.73
C PHE A 817 6.35 -1.57 31.07
N GLY A 818 7.05 -2.32 30.22
CA GLY A 818 7.25 -3.74 30.47
C GLY A 818 7.99 -4.00 31.77
N HIS A 819 8.92 -3.12 32.12
CA HIS A 819 9.67 -3.29 33.37
C HIS A 819 9.03 -2.59 34.55
N LEU A 820 8.12 -1.64 34.30
CA LEU A 820 7.37 -1.00 35.37
C LEU A 820 6.19 -1.85 35.83
N LEU A 821 5.78 -2.84 35.04
CA LEU A 821 4.60 -3.64 35.33
C LEU A 821 4.90 -5.13 35.47
N LYS A 822 6.17 -5.52 35.56
CA LYS A 822 6.54 -6.92 35.67
C LYS A 822 6.81 -7.28 37.12
N LYS A 823 6.20 -8.37 37.57
CA LYS A 823 6.42 -8.86 38.92
C LYS A 823 7.73 -9.65 38.99
N ALA A 833 0.37 -15.26 35.96
CA ALA A 833 0.99 -14.03 35.46
C ALA A 833 0.18 -13.47 34.29
N PRO A 834 -0.90 -12.76 34.60
CA PRO A 834 -1.70 -12.18 33.53
C PRO A 834 -0.89 -11.26 32.67
N PRO A 835 -1.14 -11.21 31.36
CA PRO A 835 -0.36 -10.34 30.48
C PRO A 835 -0.63 -8.87 30.76
N ILE A 836 0.34 -8.05 30.38
CA ILE A 836 0.24 -6.61 30.58
C ILE A 836 -0.56 -6.00 29.44
N THR A 837 -1.88 -5.92 29.61
CA THR A 837 -2.74 -5.34 28.60
C THR A 837 -2.49 -3.84 28.49
N ASP A 838 -2.82 -3.27 27.34
CA ASP A 838 -2.62 -1.84 27.13
C ASP A 838 -3.42 -1.01 28.12
N GLU A 839 -4.59 -1.50 28.55
CA GLU A 839 -5.34 -0.81 29.59
C GLU A 839 -4.56 -0.79 30.89
N ASP A 840 -3.89 -1.88 31.22
CA ASP A 840 -3.13 -1.96 32.46
C ASP A 840 -2.03 -0.90 32.49
N LYS A 841 -1.32 -0.73 31.37
CA LYS A 841 -0.27 0.27 31.32
C LYS A 841 -0.80 1.68 31.14
N GLN A 842 -1.99 1.85 30.56
CA GLN A 842 -2.63 3.16 30.59
C GLN A 842 -2.94 3.58 32.01
N LYS A 843 -3.42 2.63 32.82
CA LYS A 843 -3.74 2.94 34.21
C LYS A 843 -2.48 3.06 35.07
N ALA A 844 -1.41 2.35 34.71
CA ALA A 844 -0.20 2.37 35.53
C ALA A 844 0.50 3.72 35.44
N ASP A 845 0.65 4.25 34.22
CA ASP A 845 1.30 5.55 34.00
C ASP A 845 0.53 6.28 32.93
N PRO A 846 -0.61 6.89 33.26
CA PRO A 846 -1.42 7.55 32.24
C PRO A 846 -0.64 8.59 31.44
N GLU A 847 0.25 9.32 32.09
CA GLU A 847 1.04 10.33 31.38
C GLU A 847 1.97 9.69 30.36
N MET A 848 2.63 8.60 30.73
CA MET A 848 3.54 7.94 29.79
C MET A 848 2.77 7.28 28.66
N PHE A 849 1.60 6.72 28.94
CA PHE A 849 0.79 6.15 27.86
C PHE A 849 0.31 7.25 26.92
N ALA A 850 -0.07 8.40 27.46
CA ALA A 850 -0.42 9.54 26.62
C ALA A 850 0.77 9.96 25.77
N LEU A 851 1.98 9.91 26.34
CA LEU A 851 3.18 10.20 25.56
C LEU A 851 3.37 9.18 24.44
N ARG A 852 3.10 7.92 24.73
CA ARG A 852 3.20 6.89 23.69
C ARG A 852 2.22 7.17 22.56
N LEU A 853 0.99 7.53 22.90
CA LEU A 853 0.02 7.88 21.87
C LEU A 853 0.45 9.12 21.11
N ALA A 854 1.07 10.09 21.79
CA ALA A 854 1.56 11.28 21.11
C ALA A 854 2.67 10.94 20.13
N LEU A 855 3.60 10.07 20.52
CA LEU A 855 4.64 9.64 19.61
C LEU A 855 4.04 8.92 18.41
N GLU A 856 3.09 8.02 18.66
CA GLU A 856 2.48 7.26 17.56
C GLU A 856 1.76 8.19 16.59
N GLU A 857 0.97 9.12 17.10
CA GLU A 857 0.24 10.04 16.23
C GLU A 857 1.20 10.95 15.48
N LYS A 858 2.21 11.48 16.18
CA LYS A 858 3.20 12.33 15.52
C LYS A 858 3.89 11.59 14.39
N ARG A 859 4.29 10.33 14.64
CA ARG A 859 4.98 9.58 13.61
C ARG A 859 4.05 9.23 12.46
N LEU A 860 2.77 8.95 12.74
CA LEU A 860 1.84 8.66 11.66
C LEU A 860 1.64 9.89 10.77
N ASN A 861 1.47 11.06 11.38
CA ASN A 861 1.34 12.27 10.58
C ASN A 861 2.63 12.59 9.84
N LYS A 862 3.76 12.24 10.46
CA LYS A 862 5.13 12.43 9.91
C LYS A 862 5.25 11.60 8.64
N VAL A 863 4.75 10.35 8.69
CA VAL A 863 4.80 9.44 7.55
C VAL A 863 3.85 9.92 6.45
N LYS A 864 2.65 10.33 6.84
CA LYS A 864 1.72 10.89 5.86
C LYS A 864 2.36 12.06 5.12
N SER A 865 3.04 12.94 5.86
CA SER A 865 3.65 14.11 5.23
C SER A 865 4.83 13.72 4.36
N LYS A 866 5.64 12.76 4.79
CA LYS A 866 6.76 12.33 3.96
C LYS A 866 6.26 11.77 2.64
N LYS A 867 5.26 10.89 2.70
CA LYS A 867 4.66 10.38 1.46
C LYS A 867 4.16 11.54 0.60
N GLU A 868 3.36 12.43 1.19
CA GLU A 868 2.75 13.49 0.40
C GLU A 868 3.79 14.39 -0.23
N VAL A 869 4.83 14.75 0.51
CA VAL A 869 5.81 15.69 0.00
C VAL A 869 6.76 15.06 -1.02
N ILE A 870 7.20 13.83 -0.79
CA ILE A 870 8.02 13.17 -1.81
C ILE A 870 7.23 13.00 -3.10
N ALA A 871 5.97 12.55 -2.98
CA ALA A 871 5.15 12.42 -4.17
C ALA A 871 4.89 13.76 -4.82
N ASN A 872 4.77 14.82 -4.03
CA ASN A 872 4.58 16.15 -4.60
C ASN A 872 5.79 16.57 -5.41
N LYS A 873 7.00 16.34 -4.89
CA LYS A 873 8.19 16.70 -5.65
C LYS A 873 8.28 15.89 -6.93
N ILE A 874 8.00 14.59 -6.84
CA ILE A 874 8.06 13.75 -8.04
C ILE A 874 7.08 14.24 -9.08
N VAL A 875 5.84 14.50 -8.67
CA VAL A 875 4.82 14.94 -9.63
C VAL A 875 5.11 16.33 -10.13
N ALA A 876 5.71 17.19 -9.30
CA ALA A 876 6.07 18.53 -9.76
C ALA A 876 7.13 18.47 -10.85
N LYS A 877 8.15 17.63 -10.67
CA LYS A 877 9.14 17.48 -11.72
C LYS A 877 8.52 16.86 -12.97
N ALA A 878 7.59 15.91 -12.77
CA ALA A 878 6.89 15.33 -13.91
C ALA A 878 6.13 16.41 -14.67
N LEU A 879 5.50 17.33 -13.95
CA LEU A 879 4.76 18.42 -14.62
C LEU A 879 5.71 19.37 -15.33
N GLU A 880 6.87 19.66 -14.73
CA GLU A 880 7.87 20.47 -15.40
C GLU A 880 8.25 19.84 -16.74
N LEU A 881 8.59 18.55 -16.72
CA LEU A 881 8.95 17.87 -17.95
C LEU A 881 7.78 17.83 -18.94
N ARG A 882 6.56 17.64 -18.44
CA ARG A 882 5.40 17.63 -19.33
C ARG A 882 5.25 18.98 -20.04
N ASP A 883 5.40 20.07 -19.31
CA ASP A 883 5.31 21.39 -19.91
C ASP A 883 6.45 21.61 -20.90
N LYS A 884 7.66 21.13 -20.59
CA LYS A 884 8.79 21.34 -21.46
C LYS A 884 8.73 20.43 -22.68
N TYR A 885 8.71 19.11 -22.48
CA TYR A 885 8.85 18.15 -23.56
C TYR A 885 7.51 17.57 -24.01
N GLY A 886 6.78 16.91 -23.12
CA GLY A 886 5.54 16.27 -23.49
C GLY A 886 5.10 15.24 -22.47
N PRO A 887 4.10 14.43 -22.83
CA PRO A 887 3.56 13.46 -21.87
C PRO A 887 4.64 12.66 -21.16
N VAL A 888 4.62 12.70 -19.85
CA VAL A 888 5.65 12.06 -19.02
C VAL A 888 5.16 10.68 -18.58
N LEU A 889 6.11 9.83 -18.22
CA LEU A 889 5.84 8.52 -17.66
C LEU A 889 6.73 8.35 -16.43
N ILE A 890 6.12 8.28 -15.26
CA ILE A 890 6.85 8.18 -14.00
C ILE A 890 7.00 6.70 -13.68
N LYS A 891 8.22 6.19 -13.78
CA LYS A 891 8.50 4.79 -13.55
C LYS A 891 9.12 4.62 -12.18
N GLY A 892 8.50 3.81 -11.34
CA GLY A 892 8.95 3.60 -9.98
C GLY A 892 9.22 2.13 -9.72
N GLU A 893 10.19 1.88 -8.85
CA GLU A 893 10.50 0.52 -8.45
C GLU A 893 9.28 -0.14 -7.82
N ASN A 894 9.10 -1.42 -8.11
CA ASN A 894 8.03 -2.21 -7.52
C ASN A 894 8.61 -2.90 -6.29
N ILE A 895 8.63 -2.17 -5.18
CA ILE A 895 9.32 -2.60 -3.97
C ILE A 895 8.30 -3.34 -3.11
N SER A 896 8.17 -4.64 -3.35
CA SER A 896 7.25 -5.48 -2.61
C SER A 896 8.00 -6.65 -1.99
N ASP A 897 7.35 -7.29 -1.02
CA ASP A 897 7.89 -8.49 -0.38
C ASP A 897 9.25 -8.22 0.29
N THR A 898 9.36 -7.06 0.92
CA THR A 898 10.43 -6.82 1.86
C THR A 898 9.96 -7.24 3.26
N THR A 899 10.84 -7.11 4.25
CA THR A 899 10.50 -7.49 5.62
C THR A 899 10.11 -8.98 5.67
N LYS A 900 11.08 -9.81 5.32
CA LYS A 900 10.87 -11.25 5.22
C LYS A 900 11.29 -11.96 6.51
N LYS A 901 10.82 -13.21 6.63
CA LYS A 901 11.15 -14.02 7.81
C LYS A 901 12.64 -14.31 7.88
N GLY A 902 13.25 -14.66 6.74
CA GLY A 902 14.65 -15.03 6.75
C GLY A 902 15.57 -13.87 7.12
N LYS A 903 15.24 -12.67 6.67
CA LYS A 903 16.04 -11.51 7.00
C LYS A 903 16.15 -11.36 8.52
N LYS A 904 17.15 -10.60 8.95
CA LYS A 904 17.31 -10.31 10.35
C LYS A 904 16.21 -9.37 10.83
N SER A 905 15.99 -9.36 12.14
CA SER A 905 15.00 -8.44 12.71
C SER A 905 15.39 -7.00 12.45
N SER A 906 16.67 -6.68 12.57
CA SER A 906 17.13 -5.32 12.31
C SER A 906 16.91 -4.94 10.85
N THR A 907 17.13 -5.89 9.93
CA THR A 907 16.92 -5.60 8.52
C THR A 907 15.46 -5.29 8.23
N ASN A 908 14.56 -6.10 8.77
CA ASN A 908 13.13 -5.85 8.55
C ASN A 908 12.70 -4.53 9.18
N SER A 909 13.20 -4.23 10.37
CA SER A 909 12.87 -2.96 11.01
C SER A 909 13.37 -1.79 10.17
N PHE A 910 14.59 -1.91 9.64
CA PHE A 910 15.13 -0.85 8.79
C PHE A 910 14.30 -0.68 7.53
N LEU A 911 13.89 -1.78 6.90
CA LEU A 911 13.12 -1.71 5.67
C LEU A 911 11.68 -1.28 5.89
N MET A 912 11.18 -1.36 7.12
CA MET A 912 9.82 -0.87 7.39
C MET A 912 9.74 0.64 7.16
N ASP A 913 10.77 1.38 7.55
CA ASP A 913 10.83 2.83 7.35
C ASP A 913 11.05 3.22 5.89
N TRP A 914 11.02 2.26 4.97
CA TRP A 914 11.33 2.56 3.57
C TRP A 914 10.24 3.44 2.96
N LEU A 915 8.97 3.11 3.19
CA LEU A 915 7.85 3.84 2.60
C LEU A 915 8.01 3.95 1.09
N ALA A 916 8.35 2.81 0.47
CA ALA A 916 8.48 2.78 -0.98
C ALA A 916 7.13 2.63 -1.66
N ARG A 917 6.35 1.63 -1.24
CA ARG A 917 5.02 1.45 -1.81
C ARG A 917 4.10 2.59 -1.41
N GLY A 918 4.31 3.20 -0.24
CA GLY A 918 3.49 4.34 0.14
C GLY A 918 3.69 5.52 -0.79
N VAL A 919 4.95 5.85 -1.08
CA VAL A 919 5.24 6.95 -2.00
C VAL A 919 4.78 6.59 -3.40
N ALA A 920 4.95 5.33 -3.80
CA ALA A 920 4.50 4.91 -5.12
C ALA A 920 3.00 5.06 -5.25
N ASN A 921 2.25 4.67 -4.21
CA ASN A 921 0.80 4.80 -4.24
C ASN A 921 0.37 6.27 -4.25
N LYS A 922 1.06 7.11 -3.48
CA LYS A 922 0.68 8.52 -3.47
C LYS A 922 0.95 9.16 -4.82
N VAL A 923 2.07 8.82 -5.46
CA VAL A 923 2.34 9.33 -6.80
C VAL A 923 1.34 8.78 -7.79
N LYS A 924 0.92 7.53 -7.60
CA LYS A 924 -0.11 6.95 -8.45
C LYS A 924 -1.41 7.73 -8.35
N GLU A 925 -1.81 8.08 -7.13
CA GLU A 925 -3.02 8.87 -6.94
C GLU A 925 -2.89 10.25 -7.56
N MET A 926 -1.79 10.95 -7.25
CA MET A 926 -1.62 12.31 -7.75
C MET A 926 -1.55 12.35 -9.27
N VAL A 927 -0.93 11.34 -9.89
CA VAL A 927 -0.83 11.32 -11.35
C VAL A 927 -2.20 11.20 -12.00
N MET A 928 -3.15 10.57 -11.32
CA MET A 928 -4.49 10.40 -11.88
C MET A 928 -5.23 11.71 -12.03
N MET A 929 -4.75 12.79 -11.43
CA MET A 929 -5.42 14.08 -11.50
C MET A 929 -4.83 15.01 -12.55
N HIS A 930 -3.61 14.74 -13.01
CA HIS A 930 -2.94 15.59 -13.98
C HIS A 930 -2.98 14.91 -15.35
N GLN A 931 -3.37 15.67 -16.37
CA GLN A 931 -3.44 15.15 -17.72
C GLN A 931 -2.06 15.18 -18.36
N GLY A 932 -1.62 14.03 -18.85
CA GLY A 932 -0.30 13.90 -19.45
C GLY A 932 0.59 12.95 -18.70
N LEU A 933 0.54 12.98 -17.37
CA LEU A 933 1.34 12.08 -16.57
C LEU A 933 0.72 10.69 -16.56
N GLU A 934 1.58 9.69 -16.37
CA GLU A 934 1.15 8.32 -16.16
C GLU A 934 2.22 7.61 -15.36
N PHE A 935 1.80 6.72 -14.47
CA PHE A 935 2.70 6.07 -13.52
C PHE A 935 2.64 4.57 -13.72
N VAL A 936 3.75 3.99 -14.18
CA VAL A 936 3.93 2.55 -14.23
C VAL A 936 4.97 2.18 -13.18
N GLU A 937 4.83 0.98 -12.62
CA GLU A 937 5.73 0.49 -11.59
C GLU A 937 6.50 -0.69 -12.16
N VAL A 938 7.83 -0.61 -12.11
CA VAL A 938 8.69 -1.49 -12.87
C VAL A 938 9.35 -2.49 -11.92
N ASN A 939 10.04 -3.46 -12.50
CA ASN A 939 10.72 -4.49 -11.71
C ASN A 939 12.02 -3.92 -11.15
N PRO A 940 12.24 -3.96 -9.83
CA PRO A 940 13.44 -3.33 -9.27
C PRO A 940 14.69 -4.19 -9.37
N ASN A 941 14.69 -5.21 -10.23
CA ASN A 941 15.82 -6.13 -10.29
C ASN A 941 16.98 -5.47 -11.04
N PHE A 942 18.14 -5.40 -10.39
CA PHE A 942 19.39 -4.91 -10.96
C PHE A 942 19.31 -3.45 -11.38
N THR A 943 18.26 -2.73 -11.02
CA THR A 943 18.18 -1.33 -11.42
C THR A 943 19.22 -0.46 -10.75
N SER A 944 20.03 -0.98 -9.83
CA SER A 944 21.10 -0.22 -9.21
C SER A 944 22.47 -0.60 -9.73
N HIS A 945 22.56 -1.51 -10.71
CA HIS A 945 23.85 -1.93 -11.24
C HIS A 945 23.90 -1.77 -12.75
N GLN A 946 22.78 -2.05 -13.42
CA GLN A 946 22.69 -1.85 -14.86
C GLN A 946 23.32 -0.54 -15.25
N ASP A 947 24.30 -0.59 -16.14
CA ASP A 947 24.89 0.64 -16.64
C ASP A 947 23.91 1.30 -17.59
N PRO A 948 23.42 2.51 -17.29
CA PRO A 948 22.35 3.08 -18.11
C PRO A 948 22.82 3.37 -19.53
N PHE A 949 21.99 2.97 -20.49
CA PHE A 949 22.15 3.25 -21.91
C PHE A 949 23.20 2.39 -22.59
N VAL A 950 23.91 1.55 -21.85
CA VAL A 950 24.74 0.50 -22.45
C VAL A 950 24.31 -0.88 -22.03
N HIS A 951 23.56 -1.02 -20.93
CA HIS A 951 22.98 -2.30 -20.54
C HIS A 951 21.73 -2.55 -21.38
N LYS A 952 21.74 -3.65 -22.13
CA LYS A 952 20.66 -4.08 -23.01
C LYS A 952 20.55 -3.25 -24.28
N ASN A 953 21.30 -2.14 -24.39
CA ASN A 953 21.39 -1.46 -25.67
C ASN A 953 22.09 -2.35 -26.69
N PRO A 954 23.19 -2.98 -26.29
CA PRO A 954 23.75 -4.11 -27.01
C PRO A 954 23.70 -5.38 -26.18
N GLU A 955 24.24 -5.35 -24.96
CA GLU A 955 24.21 -6.50 -24.07
C GLU A 955 24.32 -6.01 -22.64
N ASN A 956 23.89 -6.86 -21.70
CA ASN A 956 23.95 -6.51 -20.29
C ASN A 956 25.35 -6.13 -19.89
N THR A 957 25.47 -5.12 -19.02
CA THR A 957 26.76 -4.64 -18.55
C THR A 957 26.98 -4.94 -17.07
N PHE A 958 26.07 -4.50 -16.19
CA PHE A 958 26.05 -4.92 -14.79
C PHE A 958 27.39 -4.63 -14.10
N ARG A 959 27.72 -3.35 -14.02
CA ARG A 959 28.89 -2.95 -13.26
C ARG A 959 28.53 -2.87 -11.78
N ALA A 960 29.53 -2.56 -10.95
CA ALA A 960 29.36 -2.49 -9.51
C ALA A 960 29.47 -1.04 -9.03
N ARG A 961 29.09 -0.82 -7.79
CA ARG A 961 29.13 0.47 -7.15
C ARG A 961 30.37 0.61 -6.29
N TYR A 962 30.89 1.83 -6.21
CA TYR A 962 32.20 2.09 -5.64
C TYR A 962 32.08 3.05 -4.46
N SER A 963 33.22 3.56 -4.00
CA SER A 963 33.24 4.53 -2.90
C SER A 963 34.52 5.34 -3.01
N ARG A 964 34.42 6.56 -3.54
CA ARG A 964 35.56 7.47 -3.54
C ARG A 964 35.92 7.83 -2.11
N CYS A 965 37.22 7.84 -1.82
CA CYS A 965 37.70 8.24 -0.50
C CYS A 965 39.19 8.47 -0.57
N THR A 966 39.70 9.20 0.42
CA THR A 966 41.14 9.37 0.55
C THR A 966 41.75 8.14 1.23
N PRO A 967 43.02 7.84 0.94
CA PRO A 967 43.64 6.67 1.59
C PRO A 967 43.68 6.79 3.11
N SER A 968 43.65 8.00 3.65
CA SER A 968 43.74 8.16 5.10
C SER A 968 42.44 7.77 5.81
N GLU A 969 41.31 7.77 5.11
CA GLU A 969 40.03 7.47 5.72
C GLU A 969 39.52 6.07 5.37
N LEU A 970 40.38 5.21 4.82
CA LEU A 970 40.01 3.82 4.63
C LEU A 970 39.90 3.12 5.99
N THR A 971 38.91 2.25 6.12
CA THR A 971 38.65 1.54 7.35
C THR A 971 38.98 0.06 7.18
N GLU A 972 38.84 -0.68 8.28
CA GLU A 972 38.97 -2.14 8.21
C GLU A 972 37.84 -2.74 7.37
N LYS A 973 36.63 -2.20 7.52
CA LYS A 973 35.48 -2.76 6.82
C LYS A 973 35.68 -2.70 5.30
N ASN A 974 36.23 -1.60 4.79
CA ASN A 974 36.44 -1.49 3.35
C ASN A 974 37.44 -2.52 2.85
N ARG A 975 38.55 -2.71 3.58
CA ARG A 975 39.54 -3.70 3.17
C ARG A 975 38.95 -5.10 3.22
N LYS A 976 38.20 -5.42 4.28
CA LYS A 976 37.59 -6.73 4.39
C LYS A 976 36.59 -6.96 3.27
N GLU A 977 35.83 -5.92 2.91
CA GLU A 977 34.91 -6.03 1.79
C GLU A 977 35.64 -6.30 0.48
N ILE A 978 36.75 -5.59 0.25
CA ILE A 978 37.53 -5.82 -0.96
C ILE A 978 38.02 -7.27 -0.99
N LEU A 979 38.53 -7.76 0.14
CA LEU A 979 39.00 -9.14 0.19
C LEU A 979 37.86 -10.11 -0.09
N SER A 980 36.69 -9.87 0.51
CA SER A 980 35.54 -10.73 0.26
C SER A 980 35.18 -10.76 -1.21
N PHE A 981 35.27 -9.61 -1.89
CA PHE A 981 35.05 -9.60 -3.34
C PHE A 981 36.12 -10.42 -4.05
N LEU A 982 37.38 -10.29 -3.64
CA LEU A 982 38.47 -10.97 -4.34
C LEU A 982 38.44 -12.47 -4.12
N SER A 983 38.04 -12.92 -2.93
CA SER A 983 38.03 -14.35 -2.62
C SER A 983 37.12 -15.06 -3.61
N ASP A 984 37.70 -15.95 -4.42
CA ASP A 984 36.96 -16.66 -5.46
C ASP A 984 36.15 -17.78 -4.80
N LYS A 985 35.00 -17.40 -4.25
CA LYS A 985 34.08 -18.34 -3.63
C LYS A 985 32.73 -18.26 -4.33
N PRO A 986 32.11 -19.42 -4.50
CA PRO A 986 30.82 -19.49 -5.19
C PRO A 986 29.73 -18.90 -4.31
N SER A 987 28.93 -18.00 -4.89
CA SER A 987 27.80 -17.39 -4.20
C SER A 987 26.60 -17.35 -5.12
N LYS A 988 25.42 -17.48 -4.54
CA LYS A 988 24.19 -17.49 -5.32
C LYS A 988 23.70 -16.10 -5.69
N ARG A 989 24.28 -15.05 -5.11
CA ARG A 989 23.88 -13.70 -5.44
C ARG A 989 24.46 -13.32 -6.80
N PRO A 990 23.66 -12.95 -7.79
CA PRO A 990 24.23 -12.58 -9.09
C PRO A 990 25.21 -11.42 -8.98
N THR A 991 24.97 -10.48 -8.08
CA THR A 991 25.83 -9.31 -7.95
C THR A 991 27.21 -9.64 -7.40
N ASN A 992 27.40 -10.84 -6.85
CA ASN A 992 28.74 -11.23 -6.41
C ASN A 992 29.71 -11.22 -7.58
N ALA A 993 29.28 -11.70 -8.75
CA ALA A 993 30.15 -11.67 -9.92
C ALA A 993 30.51 -10.25 -10.31
N TYR A 994 29.52 -9.35 -10.29
CA TYR A 994 29.78 -7.97 -10.68
C TYR A 994 30.76 -7.31 -9.73
N TYR A 995 30.61 -7.53 -8.42
CA TYR A 995 31.53 -6.92 -7.47
C TYR A 995 32.88 -7.61 -7.49
N ASN A 996 32.94 -8.89 -7.85
CA ASN A 996 34.21 -9.57 -8.00
C ASN A 996 35.00 -9.01 -9.16
N GLU A 997 34.35 -8.82 -10.31
CA GLU A 997 35.03 -8.19 -11.43
C GLU A 997 35.37 -6.74 -11.12
N GLY A 998 34.55 -6.08 -10.30
CA GLY A 998 34.91 -4.74 -9.86
C GLY A 998 36.17 -4.72 -9.02
N ALA A 999 36.32 -5.70 -8.13
CA ALA A 999 37.54 -5.79 -7.32
C ALA A 999 38.75 -6.12 -8.19
N MET A 1000 38.56 -7.00 -9.18
CA MET A 1000 39.65 -7.31 -10.10
C MET A 1000 40.08 -6.06 -10.85
N ALA A 1001 39.11 -5.27 -11.32
CA ALA A 1001 39.45 -4.02 -12.00
C ALA A 1001 40.10 -3.02 -11.06
N PHE A 1002 39.69 -3.02 -9.79
CA PHE A 1002 40.34 -2.16 -8.80
C PHE A 1002 41.81 -2.52 -8.65
N LEU A 1003 42.11 -3.82 -8.56
CA LEU A 1003 43.50 -4.25 -8.47
C LEU A 1003 44.26 -3.89 -9.74
N ALA A 1004 43.63 -4.10 -10.91
CA ALA A 1004 44.28 -3.80 -12.17
C ALA A 1004 44.58 -2.31 -12.34
N THR A 1005 43.69 -1.44 -11.87
CA THR A 1005 43.87 -0.01 -12.06
C THR A 1005 45.12 0.52 -11.37
N TYR A 1006 45.38 0.05 -10.15
CA TYR A 1006 46.55 0.48 -9.39
C TYR A 1006 47.61 -0.60 -9.25
N GLY A 1007 47.36 -1.80 -9.79
CA GLY A 1007 48.35 -2.86 -9.72
C GLY A 1007 48.68 -3.28 -8.32
N LEU A 1008 47.74 -3.94 -7.64
CA LEU A 1008 47.90 -4.28 -6.23
C LEU A 1008 48.35 -5.71 -5.99
N LYS A 1009 48.25 -6.60 -6.98
CA LYS A 1009 48.77 -7.96 -6.85
C LYS A 1009 48.10 -8.68 -5.67
N LYS A 1010 46.82 -8.99 -5.88
CA LYS A 1010 45.94 -9.52 -4.84
C LYS A 1010 46.67 -10.39 -3.81
N ASN A 1011 47.53 -11.29 -4.29
CA ASN A 1011 48.32 -12.09 -3.37
C ASN A 1011 49.04 -11.22 -2.34
N ASP A 1012 49.57 -10.08 -2.77
CA ASP A 1012 50.23 -9.14 -1.89
C ASP A 1012 49.30 -8.06 -1.37
N VAL A 1013 48.06 -7.99 -1.85
CA VAL A 1013 47.09 -7.01 -1.38
C VAL A 1013 46.14 -7.57 -0.33
N LEU A 1014 45.95 -8.88 -0.30
CA LEU A 1014 45.15 -9.53 0.73
C LEU A 1014 45.90 -9.66 2.06
N GLY A 1015 47.05 -8.99 2.19
CA GLY A 1015 47.87 -9.10 3.38
C GLY A 1015 47.26 -8.31 4.54
N VAL A 1016 47.84 -8.54 5.72
CA VAL A 1016 47.37 -7.90 6.94
C VAL A 1016 47.90 -6.47 7.04
N SER A 1017 47.80 -5.87 8.23
CA SER A 1017 48.28 -4.51 8.47
C SER A 1017 47.50 -3.50 7.62
N LEU A 1018 46.20 -3.40 7.96
CA LEU A 1018 45.34 -2.42 7.29
C LEU A 1018 45.99 -1.05 7.24
N GLU A 1019 46.82 -0.71 8.24
CA GLU A 1019 47.63 0.49 8.15
C GLU A 1019 48.59 0.41 6.97
N LYS A 1020 49.22 -0.75 6.78
CA LYS A 1020 50.07 -0.94 5.61
C LYS A 1020 49.26 -0.88 4.32
N PHE A 1021 48.01 -1.37 4.35
CA PHE A 1021 47.16 -1.25 3.18
C PHE A 1021 46.89 0.22 2.85
N LYS A 1022 46.60 1.02 3.86
CA LYS A 1022 46.38 2.45 3.65
C LYS A 1022 47.64 3.11 3.13
N GLN A 1023 48.80 2.73 3.66
CA GLN A 1023 50.06 3.30 3.18
C GLN A 1023 50.31 2.94 1.72
N ILE A 1024 50.06 1.68 1.35
CA ILE A 1024 50.23 1.27 -0.04
C ILE A 1024 49.29 2.01 -0.96
N MET A 1025 48.03 2.17 -0.54
CA MET A 1025 47.06 2.91 -1.35
C MET A 1025 47.50 4.37 -1.50
N ALA A 1026 48.00 4.96 -0.41
CA ALA A 1026 48.46 6.35 -0.48
C ALA A 1026 49.64 6.48 -1.44
N ASN A 1027 50.58 5.54 -1.39
CA ASN A 1027 51.71 5.59 -2.32
C ASN A 1027 51.24 5.44 -3.75
N ILE A 1028 50.31 4.51 -4.00
CA ILE A 1028 49.82 4.29 -5.36
C ILE A 1028 49.09 5.51 -5.89
N LEU A 1029 48.28 6.15 -5.05
CA LEU A 1029 47.53 7.33 -5.45
C LEU A 1029 48.39 8.60 -5.48
N HIS A 1030 49.55 8.58 -4.82
CA HIS A 1030 50.48 9.70 -4.88
C HIS A 1030 51.35 9.62 -6.13
N GLN A 1031 51.80 8.43 -6.51
CA GLN A 1031 52.45 8.27 -7.80
C GLN A 1031 51.59 8.86 -8.91
N ARG A 1032 50.29 8.62 -8.86
CA ARG A 1032 49.33 9.32 -9.70
C ARG A 1032 48.99 10.67 -9.06
N SER A 1033 48.50 11.59 -9.87
CA SER A 1033 48.20 12.93 -9.40
C SER A 1033 46.81 13.05 -8.77
N GLU A 1034 46.05 11.96 -8.72
CA GLU A 1034 44.71 12.00 -8.14
C GLU A 1034 44.79 11.98 -6.62
N ASP A 1035 43.64 12.28 -5.99
CA ASP A 1035 43.57 12.39 -4.54
C ASP A 1035 42.71 11.33 -3.88
N GLN A 1036 41.80 10.68 -4.60
CA GLN A 1036 40.91 9.68 -4.04
C GLN A 1036 40.92 8.44 -4.92
N LEU A 1037 40.72 7.28 -4.28
CA LEU A 1037 40.73 6.00 -4.97
C LEU A 1037 39.34 5.39 -4.96
N LEU A 1038 38.87 4.98 -6.13
CA LEU A 1038 37.62 4.26 -6.26
C LEU A 1038 37.86 2.79 -5.92
N PHE A 1039 36.91 2.21 -5.19
CA PHE A 1039 37.00 0.80 -4.86
C PHE A 1039 35.59 0.25 -4.67
N PRO A 1040 35.30 -0.95 -5.18
CA PRO A 1040 33.93 -1.47 -5.10
C PRO A 1040 33.45 -1.55 -3.66
N SER A 1041 32.20 -1.18 -3.44
CA SER A 1041 31.52 -1.34 -2.16
C SER A 1041 30.08 -1.74 -2.41
N ARG A 1042 29.60 -2.74 -1.67
CA ARG A 1042 28.25 -3.23 -1.89
C ARG A 1042 27.21 -2.19 -1.51
N GLY A 1043 27.55 -1.27 -0.61
CA GLY A 1043 26.64 -0.21 -0.23
C GLY A 1043 27.26 1.16 -0.46
N GLY A 1044 28.04 1.29 -1.51
CA GLY A 1044 28.67 2.54 -1.85
C GLY A 1044 27.99 3.26 -3.00
N MET A 1045 28.15 4.57 -3.02
CA MET A 1045 27.65 5.41 -4.10
C MET A 1045 28.75 5.54 -5.17
N PHE A 1046 28.64 6.52 -6.05
CA PHE A 1046 29.62 6.76 -7.10
C PHE A 1046 29.72 5.56 -8.04
N TYR A 1047 28.60 5.23 -8.67
CA TYR A 1047 28.60 4.24 -9.74
C TYR A 1047 29.34 4.78 -10.95
N LEU A 1048 30.01 3.87 -11.68
CA LEU A 1048 30.82 4.23 -12.83
C LEU A 1048 30.00 4.03 -14.09
N ALA A 1049 29.58 5.13 -14.71
CA ALA A 1049 28.78 5.12 -15.91
C ALA A 1049 29.60 5.57 -17.11
N THR A 1050 29.29 5.02 -18.29
CA THR A 1050 29.94 5.44 -19.51
C THR A 1050 29.41 6.75 -20.06
N TYR A 1051 28.25 7.20 -19.58
CA TYR A 1051 27.68 8.49 -19.97
C TYR A 1051 27.60 9.39 -18.74
N LYS A 1052 27.60 10.70 -19.00
CA LYS A 1052 27.56 11.69 -17.93
C LYS A 1052 26.11 11.84 -17.49
N LEU A 1053 25.73 11.09 -16.46
CA LEU A 1053 24.36 11.08 -15.96
C LEU A 1053 24.16 11.89 -14.69
N ASP A 1054 25.22 12.48 -14.14
CA ASP A 1054 25.13 13.11 -12.83
C ASP A 1054 25.11 14.63 -12.88
N ALA A 1055 25.76 15.22 -13.89
CA ALA A 1055 25.98 16.66 -14.02
C ALA A 1055 27.05 17.17 -13.06
N ASP A 1056 27.52 16.33 -12.13
CA ASP A 1056 28.71 16.60 -11.34
C ASP A 1056 29.73 15.48 -11.49
N ALA A 1057 29.58 14.65 -12.51
CA ALA A 1057 30.44 13.48 -12.67
C ALA A 1057 31.88 13.89 -12.93
N THR A 1058 32.79 13.20 -12.26
CA THR A 1058 34.23 13.40 -12.44
C THR A 1058 34.76 12.24 -13.27
N SER A 1059 35.22 12.53 -14.48
CA SER A 1059 35.67 11.46 -15.37
C SER A 1059 36.88 10.75 -14.76
N VAL A 1060 36.90 9.42 -14.93
CA VAL A 1060 38.00 8.60 -14.45
C VAL A 1060 38.22 7.45 -15.43
N ASN A 1061 39.48 6.96 -15.39
CA ASN A 1061 40.12 5.91 -16.20
C ASN A 1061 40.16 4.63 -15.36
N TRP A 1062 39.53 3.53 -15.80
CA TRP A 1062 39.49 2.26 -15.03
C TRP A 1062 40.53 1.29 -15.65
N ASN A 1063 40.24 0.08 -16.16
CA ASN A 1063 41.30 -0.77 -16.77
C ASN A 1063 41.83 0.05 -17.95
N GLY A 1064 40.89 0.52 -18.81
CA GLY A 1064 41.05 1.44 -19.96
C GLY A 1064 39.71 1.85 -20.57
N LYS A 1065 38.68 2.18 -19.76
CA LYS A 1065 37.38 2.49 -20.33
C LYS A 1065 36.98 3.95 -20.19
N GLN A 1066 37.62 4.72 -19.32
CA GLN A 1066 37.34 6.14 -19.16
C GLN A 1066 35.86 6.37 -18.81
N PHE A 1067 35.50 5.84 -17.63
CA PHE A 1067 34.13 5.94 -17.16
C PHE A 1067 33.86 7.33 -16.60
N TRP A 1068 32.58 7.60 -16.30
CA TRP A 1068 32.16 8.79 -15.58
C TRP A 1068 31.75 8.38 -14.18
N VAL A 1069 32.24 9.11 -13.18
CA VAL A 1069 31.88 8.84 -11.80
C VAL A 1069 30.59 9.56 -11.48
N CYS A 1070 29.46 8.92 -11.79
CA CYS A 1070 28.15 9.47 -11.50
C CYS A 1070 27.82 9.20 -10.03
N ASN A 1071 26.56 9.41 -9.65
CA ASN A 1071 26.07 9.05 -8.32
C ASN A 1071 25.19 7.82 -8.46
N ALA A 1072 25.44 6.81 -7.61
CA ALA A 1072 24.69 5.57 -7.70
C ALA A 1072 23.19 5.83 -7.69
N ASP A 1073 22.75 6.84 -6.93
CA ASP A 1073 21.34 7.17 -6.91
C ASP A 1073 20.84 7.61 -8.29
N LEU A 1074 21.59 8.48 -8.97
CA LEU A 1074 21.11 9.01 -10.25
C LEU A 1074 21.15 7.95 -11.34
N VAL A 1075 22.20 7.13 -11.36
CA VAL A 1075 22.24 6.06 -12.35
C VAL A 1075 21.15 5.04 -12.06
N ALA A 1076 20.84 4.79 -10.78
CA ALA A 1076 19.76 3.88 -10.46
C ALA A 1076 18.42 4.46 -10.90
N ALA A 1077 18.26 5.77 -10.78
CA ALA A 1077 17.04 6.41 -11.27
C ALA A 1077 16.94 6.29 -12.79
N TYR A 1078 18.06 6.43 -13.50
CA TYR A 1078 18.03 6.23 -14.95
C TYR A 1078 17.68 4.80 -15.29
N ASN A 1079 18.25 3.83 -14.56
CA ASN A 1079 17.90 2.43 -14.79
C ASN A 1079 16.43 2.18 -14.56
N VAL A 1080 15.88 2.74 -13.49
CA VAL A 1080 14.44 2.63 -13.25
C VAL A 1080 13.67 3.22 -14.41
N GLY A 1081 14.26 4.20 -15.12
CA GLY A 1081 13.64 4.76 -16.29
C GLY A 1081 13.89 3.99 -17.57
N LEU A 1082 14.59 2.87 -17.51
CA LEU A 1082 14.92 2.07 -18.68
C LEU A 1082 14.66 0.59 -18.43
N VAL A 1083 13.80 0.27 -17.47
CA VAL A 1083 13.59 -1.13 -17.12
C VAL A 1083 12.91 -1.87 -18.26
N ASP A 1084 11.86 -1.29 -18.84
CA ASP A 1084 11.16 -1.85 -19.99
C ASP A 1084 10.85 -0.73 -20.97
N ILE A 1085 11.85 0.10 -21.25
CA ILE A 1085 11.65 1.27 -22.11
C ILE A 1085 10.98 0.88 -23.42
N GLN A 1086 11.26 -0.33 -23.92
CA GLN A 1086 10.69 -0.75 -25.19
C GLN A 1086 9.16 -0.87 -25.10
N LYS A 1087 8.66 -1.44 -24.01
CA LYS A 1087 7.22 -1.60 -23.88
C LYS A 1087 6.51 -0.25 -23.89
N ASP A 1088 7.06 0.73 -23.17
CA ASP A 1088 6.43 2.05 -23.14
C ASP A 1088 6.44 2.69 -24.53
N PHE A 1089 7.57 2.61 -25.23
CA PHE A 1089 7.70 3.19 -26.56
C PHE A 1089 7.82 2.05 -27.57
N LYS A 1090 6.70 1.70 -28.19
CA LYS A 1090 6.75 0.77 -29.32
C LYS A 1090 7.15 1.55 -30.58
N LYS A 1091 7.65 0.81 -31.58
CA LYS A 1091 8.26 1.41 -32.75
C LYS A 1091 7.26 2.15 -33.65
N LYS A 1092 6.01 2.27 -33.22
CA LYS A 1092 5.03 3.03 -33.98
C LYS A 1092 5.45 4.49 -34.10
#